data_7XW9
#
_entry.id   7XW9
#
_cell.length_a   1.00
_cell.length_b   1.00
_cell.length_c   1.00
_cell.angle_alpha   90.00
_cell.angle_beta   90.00
_cell.angle_gamma   90.00
#
_symmetry.space_group_name_H-M   'P 1'
#
loop_
_entity.id
_entity.type
_entity.pdbx_description
1 polymer 'Thyrotropin-releasing hormone receptor'
2 polymer 'Guanine nucleotide-binding protein G(q) subunit alpha'
3 polymer 'Guanine nucleotide-binding protein G(I)/G(S)/G(T) subunit beta-1'
4 polymer 'Guanine nucleotide-binding protein G(I)/G(S)/G(O) subunit gamma-2'
5 polymer 'single Fab chain (svFv16)'
6 polymer 'TRH peptide'
#
loop_
_entity_poly.entity_id
_entity_poly.type
_entity_poly.pdbx_seq_one_letter_code
_entity_poly.pdbx_strand_id
1 'polypeptide(L)'
;MENETVSELNQTQLQPRAVVALEYQVVTILLVLIICGLGIVGNIMVVLVVMRTKHMRTPTNCYLVSLAVADLMVLVAAGL
PNITDSIYGSWVYGYVGCLCITYLQYLGINASSCSITAFTIERYIAICHPIKAQFLCTFSRAKKIIIFVWAFTSLYCMLW
FFLLDLNISTYKDAIVISCGYKISRNYYSPIYLMDFGVFYVVPMILATVLYGFIARILFLNPIPSDPKENSKTWKNDSTH
QNTNLNVNTSNRCFNSTVSSRKQVTKMLAVVVILFALLWMPYRTLVVVNSFLSSPFQENWFLLFCRICIYLNSAINPVIY
NLMSQKFRAAFRKLCNCKQKPTEKPANYSVALNYSVIKESDHFSTELDDITVTDTYLSATKVSFDDTCLASEVSFSQS
;
R
2 'polypeptide(L)'
;MGCTLSAEDKAAVERSKMIDRNLREDGEKARRELKLLLLGTGESGKSTFIKQMRIIHGAGYSEEDKRGFTKLVYQNIFTA
MQAMIRAMETLKILYKYEQNKANALLIREVDVEKVTTFEHQYVSAIKTLWEDPGIQECYDRRREYQLSDSAKYYLTDVDR
AATMGSTVSAEDKAAAERSKMIDKNLREDGEKARRTLRLLLLGADNSGKSTIVKQMRILHGGSGGSGGTSGIFETKFQVD
KVNFHMFDVGGQRDERRKWIQCFNDVTAIIFVVDSSDYNRLQEALNDFKSIWNNRWLRTISVILFLNKQDLLAEKVLAGK
SKIEDYFPEFARYTTPEDATPEPGEDPRVTRAKYFIRKEFVDISTASGDGRHICYPHFTCAVDTENARRIFNDCKDIILQ
MNLREYNLV
;
A
3 'polypeptide(L)'
;MGSLLQSELDQLRQEAEQLKNQIRDARKACADATLSQITNNIDPVGRIQMRTRRTLRGHLAKIYAMHWGTDSRLLVSASQ
DGKLIIWDSYTTNKVHAIPLRSSWVMTCAYAPSGNYVACGGLDNICSIYNLKTREGNVRVSRELAGHTGYLSCCRFLDDN
QIVTSSGDTTCALWDIETGQQTTTFTGHTGDVMSLSLAPDTRLFVSGACDASAKLWDVREGMCRQTFTGHESDINAICFF
PNGNAFATGSDDATCRLFDLRADQELMTYSHDNIICGITSVSFSKSGRLLLAGYDDFNCNVWDALKADRAGVLAGHDNRV
SCLGVTDDGMAVATGSWDSFLKIWN
;
B
4 'polypeptide(L)' ASNNTASIAQARKLVEQLKMEANIDRIKVSKAAADLMAYCEAHAKEDPLLTPVPASENPFREKKFFCAIL G
5 'polypeptide(L)'
;DVQLVESGGGLVQPGGSRKLSCSASGFAFSSFGMHWVRQAPEKGLEWVAYISSGSGTIYYADTVKGRFTISRDDPKNTLF
LQMTSLRSEDTAMYYCVRSIYYYGSSPFDFWGQGTTLTVSSGGGGSGGGGSGGGGSDIVMTQATSSVPVTPGESVSISCR
SSKSLLHSNGNTYLYWFLQRPGQSPQLLIYRMSNLASGVPDRFSGSGSGTAFTLTISRLEAEDVGVYYCMQHLEYPLTFG
AGTKLELKGSLEVLFQGPAAAHHHHHHHH
;
S
6 'polypeptide(L)' (PCA)HP(NH2) L
#
# COMPACT_ATOMS: atom_id res chain seq x y z
N GLN A 13 4.97 49.68 -51.01
CA GLN A 13 6.39 49.80 -51.27
C GLN A 13 6.77 49.30 -52.66
N LEU A 14 8.04 48.96 -52.84
CA LEU A 14 8.51 48.47 -54.12
C LEU A 14 7.84 47.14 -54.47
N GLN A 15 7.49 46.96 -55.74
CA GLN A 15 6.72 45.79 -56.14
C GLN A 15 7.49 44.49 -55.96
N PRO A 16 8.63 44.23 -56.65
CA PRO A 16 9.23 42.90 -56.54
C PRO A 16 9.84 42.67 -55.17
N ARG A 17 9.35 41.64 -54.47
CA ARG A 17 9.71 41.39 -53.08
C ARG A 17 11.18 40.99 -52.97
N ALA A 18 11.72 41.18 -51.77
CA ALA A 18 13.08 40.73 -51.48
C ALA A 18 13.11 39.21 -51.37
N VAL A 19 13.65 38.55 -52.38
CA VAL A 19 13.54 37.11 -52.53
C VAL A 19 14.68 36.41 -51.83
N VAL A 20 14.41 35.21 -51.32
CA VAL A 20 15.44 34.38 -50.74
C VAL A 20 16.38 33.89 -51.84
N ALA A 21 17.67 34.06 -51.63
CA ALA A 21 18.69 33.65 -52.59
C ALA A 21 19.08 32.19 -52.42
N LEU A 22 18.26 31.39 -51.73
CA LEU A 22 18.43 29.95 -51.58
C LEU A 22 19.69 29.59 -50.82
N GLU A 23 20.25 30.54 -50.07
CA GLU A 23 21.09 30.16 -48.94
C GLU A 23 20.31 30.28 -47.64
N TYR A 24 19.58 31.39 -47.48
CA TYR A 24 18.71 31.58 -46.34
C TYR A 24 17.72 30.42 -46.22
N GLN A 25 17.08 30.07 -47.34
CA GLN A 25 16.19 28.93 -47.42
C GLN A 25 16.77 27.68 -46.76
N VAL A 26 17.88 27.20 -47.30
CA VAL A 26 18.43 25.91 -46.89
C VAL A 26 18.93 25.99 -45.45
N VAL A 27 19.67 27.06 -45.13
CA VAL A 27 20.25 27.19 -43.80
C VAL A 27 19.15 27.14 -42.74
N THR A 28 18.11 27.97 -42.92
CA THR A 28 16.99 28.02 -42.00
C THR A 28 16.33 26.66 -41.85
N ILE A 29 16.01 26.02 -42.97
CA ILE A 29 15.26 24.78 -42.92
C ILE A 29 16.06 23.71 -42.18
N LEU A 30 17.35 23.58 -42.50
CA LEU A 30 18.14 22.52 -41.88
C LEU A 30 18.31 22.75 -40.39
N LEU A 31 18.61 23.99 -39.98
CA LEU A 31 18.79 24.21 -38.55
C LEU A 31 17.50 23.96 -37.78
N VAL A 32 16.36 24.36 -38.35
CA VAL A 32 15.09 24.15 -37.64
C VAL A 32 14.78 22.66 -37.56
N LEU A 33 14.95 21.93 -38.66
CA LEU A 33 14.70 20.49 -38.65
C LEU A 33 15.58 19.79 -37.61
N ILE A 34 16.87 20.14 -37.57
CA ILE A 34 17.78 19.50 -36.62
C ILE A 34 17.37 19.78 -35.18
N ILE A 35 17.26 21.07 -34.82
CA ILE A 35 16.97 21.43 -33.44
C ILE A 35 15.63 20.86 -33.00
N CYS A 36 14.60 21.03 -33.83
CA CYS A 36 13.27 20.59 -33.45
C CYS A 36 13.18 19.07 -33.37
N GLY A 37 13.80 18.36 -34.32
CA GLY A 37 13.75 16.91 -34.25
C GLY A 37 14.47 16.35 -33.04
N LEU A 38 15.67 16.87 -32.75
CA LEU A 38 16.41 16.41 -31.57
C LEU A 38 15.65 16.73 -30.28
N GLY A 39 15.07 17.93 -30.19
CA GLY A 39 14.31 18.27 -28.99
C GLY A 39 13.06 17.43 -28.85
N ILE A 40 12.38 17.16 -29.96
CA ILE A 40 11.17 16.36 -29.93
C ILE A 40 11.47 14.94 -29.48
N VAL A 41 12.54 14.34 -30.04
CA VAL A 41 12.86 12.97 -29.65
C VAL A 41 13.32 12.91 -28.20
N GLY A 42 14.02 13.95 -27.72
CA GLY A 42 14.42 13.96 -26.33
C GLY A 42 13.25 14.07 -25.37
N ASN A 43 12.29 14.94 -25.68
CA ASN A 43 11.15 15.12 -24.79
C ASN A 43 10.25 13.88 -24.80
N ILE A 44 10.03 13.29 -25.98
CA ILE A 44 9.30 12.04 -26.04
C ILE A 44 10.06 10.96 -25.27
N MET A 45 11.38 11.00 -25.31
CA MET A 45 12.20 10.02 -24.59
C MET A 45 11.98 10.13 -23.09
N VAL A 46 12.01 11.35 -22.56
CA VAL A 46 11.86 11.48 -21.11
C VAL A 46 10.45 11.10 -20.67
N VAL A 47 9.44 11.47 -21.46
CA VAL A 47 8.06 11.11 -21.09
C VAL A 47 7.88 9.59 -21.11
N LEU A 48 8.39 8.93 -22.15
CA LEU A 48 8.27 7.48 -22.22
C LEU A 48 9.04 6.79 -21.10
N VAL A 49 10.23 7.30 -20.76
CA VAL A 49 11.02 6.67 -19.71
C VAL A 49 10.30 6.78 -18.37
N VAL A 50 9.72 7.94 -18.08
CA VAL A 50 9.10 8.10 -16.77
C VAL A 50 7.77 7.37 -16.69
N MET A 51 7.09 7.18 -17.83
CA MET A 51 5.79 6.52 -17.77
C MET A 51 5.92 5.00 -17.84
N ARG A 52 6.92 4.49 -18.55
CA ARG A 52 7.07 3.04 -18.67
C ARG A 52 7.77 2.43 -17.46
N THR A 53 8.70 3.15 -16.86
CA THR A 53 9.38 2.63 -15.68
C THR A 53 8.45 2.67 -14.47
N LYS A 54 8.70 1.80 -13.50
CA LYS A 54 7.77 1.59 -12.40
C LYS A 54 7.86 2.69 -11.34
N HIS A 55 9.08 3.11 -11.00
CA HIS A 55 9.32 3.93 -9.81
C HIS A 55 9.61 5.40 -10.14
N MET A 56 8.85 5.99 -11.07
CA MET A 56 8.98 7.41 -11.38
C MET A 56 7.80 8.24 -10.87
N ARG A 57 7.34 7.98 -9.65
CA ARG A 57 6.22 8.71 -9.09
C ARG A 57 6.67 9.92 -8.28
N THR A 58 7.97 10.22 -8.28
CA THR A 58 8.52 11.32 -7.50
C THR A 58 8.01 12.66 -8.01
N PRO A 59 7.96 13.68 -7.14
CA PRO A 59 7.54 15.02 -7.61
C PRO A 59 8.44 15.60 -8.68
N THR A 60 9.72 15.29 -8.63
CA THR A 60 10.65 15.71 -9.69
C THR A 60 10.15 15.30 -11.06
N ASN A 61 9.61 14.09 -11.18
CA ASN A 61 9.14 13.62 -12.47
C ASN A 61 7.88 14.36 -12.90
N CYS A 62 7.03 14.75 -11.94
CA CYS A 62 5.90 15.60 -12.27
C CYS A 62 6.35 16.92 -12.87
N TYR A 63 7.33 17.57 -12.23
CA TYR A 63 7.83 18.83 -12.77
C TYR A 63 8.47 18.64 -14.14
N LEU A 64 9.19 17.54 -14.31
CA LEU A 64 9.94 17.38 -15.54
C LEU A 64 9.05 16.92 -16.70
N VAL A 65 7.96 16.20 -16.43
CA VAL A 65 7.01 15.93 -17.52
C VAL A 65 6.22 17.18 -17.85
N SER A 66 5.94 18.04 -16.87
CA SER A 66 5.34 19.33 -17.19
C SER A 66 6.24 20.12 -18.12
N LEU A 67 7.54 20.17 -17.81
CA LEU A 67 8.48 20.90 -18.65
C LEU A 67 8.62 20.25 -20.02
N ALA A 68 8.55 18.93 -20.09
CA ALA A 68 8.67 18.23 -21.36
C ALA A 68 7.47 18.48 -22.25
N VAL A 69 6.26 18.48 -21.68
CA VAL A 69 5.06 18.79 -22.46
C VAL A 69 5.11 20.24 -22.93
N ALA A 70 5.57 21.16 -22.08
CA ALA A 70 5.69 22.55 -22.48
C ALA A 70 6.70 22.73 -23.62
N ASP A 71 7.83 22.03 -23.53
CA ASP A 71 8.85 22.13 -24.58
C ASP A 71 8.38 21.50 -25.89
N LEU A 72 7.65 20.38 -25.80
CA LEU A 72 7.08 19.79 -27.00
C LEU A 72 6.07 20.72 -27.64
N MET A 73 5.24 21.38 -26.83
CA MET A 73 4.31 22.37 -27.35
C MET A 73 5.05 23.47 -28.09
N VAL A 74 6.07 24.05 -27.45
CA VAL A 74 6.86 25.10 -28.09
C VAL A 74 7.41 24.62 -29.43
N LEU A 75 8.05 23.44 -29.43
CA LEU A 75 8.68 22.94 -30.64
C LEU A 75 7.65 22.70 -31.75
N VAL A 76 6.69 21.81 -31.51
CA VAL A 76 5.77 21.39 -32.57
C VAL A 76 4.88 22.55 -33.01
N ALA A 77 4.68 23.55 -32.14
CA ALA A 77 3.73 24.61 -32.46
C ALA A 77 4.39 25.91 -32.89
N ALA A 78 5.70 26.05 -32.72
CA ALA A 78 6.39 27.28 -33.09
C ALA A 78 7.48 27.06 -34.12
N GLY A 79 8.21 25.95 -34.06
CA GLY A 79 9.31 25.74 -34.98
C GLY A 79 8.88 25.19 -36.33
N LEU A 80 7.84 24.35 -36.34
CA LEU A 80 7.41 23.75 -37.60
C LEU A 80 6.69 24.72 -38.54
N PRO A 81 5.92 25.69 -38.07
CA PRO A 81 5.47 26.76 -39.00
C PRO A 81 6.61 27.55 -39.62
N ASN A 82 7.82 27.52 -39.05
CA ASN A 82 8.94 28.21 -39.69
C ASN A 82 9.35 27.53 -40.99
N ILE A 83 9.23 26.20 -41.07
CA ILE A 83 9.51 25.50 -42.31
C ILE A 83 8.59 25.99 -43.41
N THR A 84 7.28 26.05 -43.10
CA THR A 84 6.29 26.47 -44.09
C THR A 84 6.46 27.93 -44.48
N ASP A 85 6.64 28.80 -43.49
CA ASP A 85 6.84 30.21 -43.78
C ASP A 85 8.12 30.46 -44.55
N SER A 86 9.10 29.58 -44.42
CA SER A 86 10.32 29.72 -45.21
C SER A 86 10.10 29.29 -46.64
N ILE A 87 9.56 28.07 -46.84
CA ILE A 87 9.38 27.57 -48.20
C ILE A 87 8.44 28.46 -49.00
N TYR A 88 7.39 28.99 -48.35
CA TYR A 88 6.32 29.64 -49.08
C TYR A 88 6.27 31.14 -48.95
N GLY A 89 6.78 31.71 -47.87
CA GLY A 89 6.79 33.16 -47.72
C GLY A 89 5.62 33.76 -46.99
N SER A 90 4.41 33.24 -47.24
CA SER A 90 3.22 33.68 -46.54
C SER A 90 2.88 32.70 -45.43
N TRP A 91 1.85 33.03 -44.65
CA TRP A 91 1.28 32.13 -43.65
C TRP A 91 0.13 31.41 -44.33
N VAL A 92 0.42 30.20 -44.83
CA VAL A 92 -0.54 29.51 -45.67
C VAL A 92 -1.71 28.95 -44.88
N TYR A 93 -1.56 28.85 -43.57
CA TYR A 93 -2.65 28.50 -42.68
C TYR A 93 -3.71 29.60 -42.68
N GLY A 94 -4.71 29.44 -41.82
CA GLY A 94 -5.85 30.32 -41.81
C GLY A 94 -5.95 31.18 -40.58
N TYR A 95 -7.13 31.78 -40.42
CA TYR A 95 -7.41 32.59 -39.24
C TYR A 95 -7.42 31.73 -37.98
N VAL A 96 -8.18 30.64 -37.99
CA VAL A 96 -8.17 29.71 -36.88
C VAL A 96 -6.80 29.11 -36.71
N GLY A 97 -6.04 28.99 -37.80
CA GLY A 97 -4.66 28.55 -37.71
C GLY A 97 -3.83 29.49 -36.86
N CYS A 98 -3.90 30.80 -37.14
CA CYS A 98 -3.12 31.73 -36.35
C CYS A 98 -3.55 31.71 -34.90
N LEU A 99 -4.86 31.74 -34.66
CA LEU A 99 -5.34 31.75 -33.27
C LEU A 99 -4.84 30.54 -32.50
N CYS A 100 -5.07 29.33 -33.03
CA CYS A 100 -4.71 28.12 -32.29
C CYS A 100 -3.20 27.95 -32.18
N ILE A 101 -2.48 28.03 -33.30
CA ILE A 101 -1.04 27.82 -33.30
C ILE A 101 -0.36 28.84 -32.39
N THR A 102 -0.86 30.08 -32.35
CA THR A 102 -0.19 31.11 -31.58
C THR A 102 -0.54 31.01 -30.10
N TYR A 103 -1.77 30.59 -29.78
CA TYR A 103 -2.11 30.24 -28.41
C TYR A 103 -1.16 29.18 -27.89
N LEU A 104 -0.89 28.17 -28.73
CA LEU A 104 -0.01 27.09 -28.31
C LEU A 104 1.42 27.57 -28.15
N GLN A 105 1.89 28.41 -29.08
CA GLN A 105 3.21 29.04 -28.97
C GLN A 105 3.37 29.70 -27.60
N TYR A 106 2.49 30.65 -27.29
CA TYR A 106 2.63 31.43 -26.07
C TYR A 106 2.44 30.58 -24.81
N LEU A 107 1.48 29.66 -24.85
CA LEU A 107 1.24 28.79 -23.72
C LEU A 107 2.47 27.96 -23.40
N GLY A 108 3.14 27.44 -24.44
CA GLY A 108 4.36 26.72 -24.20
C GLY A 108 5.47 27.59 -23.65
N ILE A 109 5.69 28.74 -24.25
CA ILE A 109 6.81 29.54 -23.81
C ILE A 109 6.60 30.13 -22.43
N ASN A 110 5.35 30.21 -21.94
CA ASN A 110 5.14 30.64 -20.57
C ASN A 110 5.09 29.48 -19.58
N ALA A 111 4.55 28.33 -19.99
CA ALA A 111 4.48 27.19 -19.10
C ALA A 111 5.86 26.59 -18.86
N SER A 112 6.75 26.66 -19.84
CA SER A 112 8.14 26.25 -19.61
C SER A 112 8.77 27.08 -18.49
N SER A 113 8.57 28.39 -18.54
CA SER A 113 9.15 29.29 -17.55
C SER A 113 8.57 29.03 -16.17
N CYS A 114 7.26 28.82 -16.10
CA CYS A 114 6.66 28.54 -14.80
C CYS A 114 7.11 27.21 -14.23
N SER A 115 7.27 26.20 -15.08
CA SER A 115 7.76 24.92 -14.61
C SER A 115 9.18 25.02 -14.08
N ILE A 116 10.03 25.79 -14.78
CA ILE A 116 11.38 26.05 -14.30
C ILE A 116 11.34 26.75 -12.94
N THR A 117 10.45 27.72 -12.78
CA THR A 117 10.35 28.47 -11.53
C THR A 117 9.99 27.54 -10.37
N ALA A 118 8.95 26.74 -10.55
CA ALA A 118 8.50 25.86 -9.47
C ALA A 118 9.53 24.79 -9.15
N PHE A 119 10.22 24.27 -10.18
CA PHE A 119 11.26 23.27 -9.93
C PHE A 119 12.44 23.87 -9.18
N THR A 120 12.78 25.13 -9.47
CA THR A 120 13.85 25.80 -8.73
C THR A 120 13.47 25.97 -7.27
N ILE A 121 12.22 26.36 -7.01
CA ILE A 121 11.78 26.53 -5.63
C ILE A 121 11.84 25.21 -4.87
N GLU A 122 11.41 24.11 -5.50
CA GLU A 122 11.46 22.84 -4.78
C GLU A 122 12.88 22.30 -4.64
N ARG A 123 13.75 22.55 -5.62
CA ARG A 123 15.17 22.22 -5.43
C ARG A 123 15.72 22.95 -4.21
N TYR A 124 15.41 24.23 -4.07
CA TYR A 124 15.88 24.99 -2.93
C TYR A 124 15.35 24.41 -1.63
N ILE A 125 14.06 24.09 -1.57
CA ILE A 125 13.49 23.57 -0.32
C ILE A 125 14.09 22.22 0.02
N ALA A 126 14.36 21.39 -1.00
CA ALA A 126 14.86 20.05 -0.74
C ALA A 126 16.33 20.05 -0.33
N ILE A 127 17.13 20.98 -0.84
CA ILE A 127 18.56 20.99 -0.54
C ILE A 127 18.85 21.76 0.74
N CYS A 128 18.17 22.89 0.95
CA CYS A 128 18.45 23.74 2.10
C CYS A 128 17.59 23.40 3.31
N HIS A 129 16.46 22.72 3.13
CA HIS A 129 15.58 22.32 4.23
C HIS A 129 15.16 20.87 4.02
N PRO A 130 16.06 19.91 4.26
CA PRO A 130 15.78 18.53 3.88
C PRO A 130 14.67 17.86 4.65
N ILE A 131 14.59 18.07 5.97
CA ILE A 131 13.58 17.39 6.77
C ILE A 131 12.20 17.97 6.49
N LYS A 132 12.12 19.30 6.37
CA LYS A 132 10.85 19.93 6.03
C LYS A 132 10.39 19.49 4.65
N ALA A 133 11.32 19.33 3.71
CA ALA A 133 10.96 18.86 2.37
C ALA A 133 10.49 17.42 2.41
N GLN A 134 11.10 16.60 3.26
CA GLN A 134 10.66 15.21 3.37
C GLN A 134 9.25 15.14 3.95
N PHE A 135 8.96 15.95 4.95
CA PHE A 135 7.62 15.98 5.52
C PHE A 135 6.62 16.67 4.63
N LEU A 136 7.07 17.47 3.67
CA LEU A 136 6.21 18.39 2.95
C LEU A 136 6.07 18.07 1.47
N CYS A 137 7.18 17.97 0.74
CA CYS A 137 7.13 17.78 -0.71
C CYS A 137 6.67 16.37 -1.01
N THR A 138 5.44 16.24 -1.48
CA THR A 138 4.85 14.99 -1.90
C THR A 138 4.46 15.07 -3.37
N PHE A 139 3.96 13.97 -3.91
CA PHE A 139 3.55 13.95 -5.32
C PHE A 139 2.24 14.69 -5.53
N SER A 140 1.36 14.64 -4.53
CA SER A 140 0.09 15.37 -4.62
C SER A 140 0.31 16.88 -4.62
N ARG A 141 1.23 17.35 -3.78
CA ARG A 141 1.57 18.77 -3.77
C ARG A 141 2.12 19.20 -5.12
N ALA A 142 2.96 18.36 -5.74
CA ALA A 142 3.51 18.67 -7.05
C ALA A 142 2.41 18.74 -8.10
N LYS A 143 1.46 17.79 -8.04
CA LYS A 143 0.35 17.81 -8.99
C LYS A 143 -0.47 19.07 -8.85
N LYS A 144 -0.73 19.50 -7.62
CA LYS A 144 -1.48 20.73 -7.39
C LYS A 144 -0.76 21.94 -7.96
N ILE A 145 0.54 22.05 -7.70
CA ILE A 145 1.31 23.18 -8.22
C ILE A 145 1.28 23.19 -9.73
N ILE A 146 1.40 22.01 -10.35
CA ILE A 146 1.45 21.93 -11.81
C ILE A 146 0.12 22.31 -12.44
N ILE A 147 -0.98 21.84 -11.88
CA ILE A 147 -2.29 22.17 -12.47
C ILE A 147 -2.60 23.64 -12.28
N PHE A 148 -2.14 24.23 -11.15
CA PHE A 148 -2.33 25.67 -10.99
C PHE A 148 -1.53 26.45 -12.02
N VAL A 149 -0.28 26.04 -12.26
CA VAL A 149 0.55 26.63 -13.31
C VAL A 149 -0.18 26.60 -14.65
N TRP A 150 -0.66 25.42 -15.04
CA TRP A 150 -1.22 25.26 -16.37
C TRP A 150 -2.52 26.05 -16.53
N ALA A 151 -3.36 26.07 -15.49
CA ALA A 151 -4.60 26.83 -15.58
C ALA A 151 -4.33 28.32 -15.67
N PHE A 152 -3.45 28.84 -14.81
CA PHE A 152 -3.21 30.27 -14.80
C PHE A 152 -2.45 30.73 -16.04
N THR A 153 -1.81 29.80 -16.76
CA THR A 153 -1.21 30.19 -18.03
C THR A 153 -2.21 30.10 -19.19
N SER A 154 -3.11 29.12 -19.14
CA SER A 154 -4.14 29.01 -20.16
C SER A 154 -5.07 30.22 -20.15
N LEU A 155 -5.32 30.79 -18.98
CA LEU A 155 -6.15 32.00 -18.92
C LEU A 155 -5.48 33.16 -19.68
N TYR A 156 -4.21 33.41 -19.39
CA TYR A 156 -3.43 34.42 -20.10
C TYR A 156 -3.44 34.18 -21.60
N CYS A 157 -3.31 32.94 -22.03
CA CYS A 157 -3.26 32.71 -23.46
C CYS A 157 -4.64 32.74 -24.13
N MET A 158 -5.72 32.59 -23.36
CA MET A 158 -7.03 32.96 -23.91
C MET A 158 -7.11 34.47 -24.13
N LEU A 159 -6.58 35.23 -23.20
CA LEU A 159 -6.40 36.66 -23.46
C LEU A 159 -5.62 36.88 -24.76
N TRP A 160 -4.72 35.96 -25.10
CA TRP A 160 -4.08 36.05 -26.42
C TRP A 160 -5.06 35.70 -27.55
N PHE A 161 -5.97 34.75 -27.31
CA PHE A 161 -7.00 34.44 -28.31
C PHE A 161 -7.73 35.70 -28.77
N PHE A 162 -8.02 36.60 -27.83
CA PHE A 162 -8.86 37.73 -28.22
C PHE A 162 -8.11 38.87 -28.95
N LEU A 163 -6.85 38.70 -29.41
CA LEU A 163 -6.15 39.85 -29.97
C LEU A 163 -5.31 39.59 -31.21
N LEU A 164 -5.45 38.44 -31.88
CA LEU A 164 -4.65 38.12 -33.05
C LEU A 164 -5.41 38.34 -34.35
N ASP A 165 -4.68 38.33 -35.46
CA ASP A 165 -5.22 38.72 -36.76
C ASP A 165 -4.22 38.36 -37.83
N LEU A 166 -4.68 38.36 -39.08
CA LEU A 166 -3.84 38.11 -40.25
C LEU A 166 -3.60 39.43 -40.97
N ASN A 167 -2.35 39.88 -40.97
CA ASN A 167 -1.99 41.14 -41.61
C ASN A 167 -1.53 40.89 -43.03
N ILE A 168 -1.97 41.73 -43.95
CA ILE A 168 -1.72 41.55 -45.37
C ILE A 168 -0.88 42.72 -45.87
N SER A 169 0.38 42.43 -46.20
CA SER A 169 1.28 43.40 -46.81
C SER A 169 1.48 43.01 -48.26
N THR A 170 0.77 43.69 -49.16
CA THR A 170 0.62 43.24 -50.54
C THR A 170 1.41 44.13 -51.48
N TYR A 171 2.26 43.51 -52.29
CA TYR A 171 2.92 44.16 -53.40
C TYR A 171 2.06 44.03 -54.65
N LYS A 172 2.21 44.97 -55.58
CA LYS A 172 1.35 44.99 -56.76
C LYS A 172 1.58 43.79 -57.66
N ASP A 173 2.70 43.07 -57.47
CA ASP A 173 2.93 41.87 -58.25
C ASP A 173 2.54 40.61 -57.47
N ALA A 174 2.80 40.60 -56.16
CA ALA A 174 2.52 39.40 -55.38
C ALA A 174 2.16 39.80 -53.95
N ILE A 175 1.53 38.87 -53.24
CA ILE A 175 0.94 39.15 -51.94
C ILE A 175 1.69 38.40 -50.87
N VAL A 176 1.61 38.93 -49.64
CA VAL A 176 2.24 38.33 -48.48
C VAL A 176 1.24 38.35 -47.33
N ILE A 177 1.02 37.21 -46.71
CA ILE A 177 0.15 37.07 -45.56
C ILE A 177 0.95 36.48 -44.42
N SER A 178 1.07 37.22 -43.34
CA SER A 178 1.65 36.68 -42.12
C SER A 178 0.79 37.15 -40.97
N CYS A 179 0.48 36.24 -40.06
CA CYS A 179 -0.51 36.62 -39.07
C CYS A 179 0.14 37.48 -38.00
N GLY A 180 -0.52 38.59 -37.66
CA GLY A 180 0.05 39.58 -36.78
C GLY A 180 -0.89 40.03 -35.69
N TYR A 181 -1.13 41.33 -35.62
CA TYR A 181 -1.82 41.95 -34.50
C TYR A 181 -3.11 42.63 -34.96
N LYS A 182 -4.14 42.54 -34.12
CA LYS A 182 -5.42 43.14 -34.47
C LYS A 182 -5.37 44.66 -34.36
N ILE A 183 -4.72 45.18 -33.34
CA ILE A 183 -4.62 46.61 -33.10
C ILE A 183 -3.17 47.02 -33.20
N SER A 184 -2.88 48.30 -32.96
CA SER A 184 -1.54 48.81 -33.14
C SER A 184 -0.55 48.11 -32.22
N ARG A 185 0.72 48.12 -32.63
CA ARG A 185 1.74 47.37 -31.90
C ARG A 185 2.05 48.02 -30.56
N ASN A 186 1.93 49.34 -30.47
CA ASN A 186 2.33 50.04 -29.25
C ASN A 186 1.35 49.85 -28.11
N TYR A 187 0.19 49.22 -28.33
CA TYR A 187 -0.73 48.94 -27.24
C TYR A 187 -0.45 47.61 -26.56
N TYR A 188 0.56 46.88 -27.01
CA TYR A 188 0.89 45.58 -26.46
C TYR A 188 1.98 45.65 -25.41
N SER A 189 2.24 46.84 -24.89
CA SER A 189 3.22 46.98 -23.81
C SER A 189 2.78 46.35 -22.49
N PRO A 190 1.51 46.40 -22.09
CA PRO A 190 1.13 45.65 -20.87
C PRO A 190 1.38 44.16 -20.97
N ILE A 191 0.88 43.50 -22.02
CA ILE A 191 1.04 42.05 -22.14
C ILE A 191 2.51 41.67 -22.15
N TYR A 192 3.30 42.38 -22.94
CA TYR A 192 4.69 42.04 -23.14
C TYR A 192 5.54 42.40 -21.93
N LEU A 193 5.23 43.51 -21.26
CA LEU A 193 5.97 43.88 -20.06
C LEU A 193 5.66 42.92 -18.91
N MET A 194 4.40 42.52 -18.75
CA MET A 194 4.09 41.54 -17.72
C MET A 194 4.74 40.20 -18.04
N ASP A 195 4.73 39.82 -19.32
CA ASP A 195 5.40 38.60 -19.76
C ASP A 195 6.89 38.65 -19.41
N PHE A 196 7.57 39.70 -19.85
CA PHE A 196 8.97 39.94 -19.49
C PHE A 196 9.16 39.81 -18.00
N GLY A 197 8.47 40.64 -17.22
CA GLY A 197 8.56 40.65 -15.78
C GLY A 197 8.42 39.30 -15.15
N VAL A 198 7.23 38.70 -15.13
CA VAL A 198 7.10 37.43 -14.43
C VAL A 198 7.98 36.40 -15.13
N PHE A 199 7.64 36.03 -16.38
CA PHE A 199 8.19 34.83 -16.97
C PHE A 199 9.65 34.95 -17.37
N TYR A 200 10.31 36.09 -17.14
CA TYR A 200 11.73 36.16 -17.38
C TYR A 200 12.52 36.58 -16.15
N VAL A 201 12.12 37.64 -15.44
CA VAL A 201 13.01 38.11 -14.38
C VAL A 201 12.68 37.42 -13.05
N VAL A 202 11.47 36.89 -12.88
CA VAL A 202 11.32 36.20 -11.60
C VAL A 202 12.03 34.84 -11.63
N PRO A 203 12.03 34.06 -12.74
CA PRO A 203 12.82 32.83 -12.68
C PRO A 203 14.31 33.08 -12.71
N MET A 204 14.76 34.12 -13.41
CA MET A 204 16.19 34.41 -13.47
C MET A 204 16.72 34.80 -12.10
N ILE A 205 16.07 35.76 -11.45
CA ILE A 205 16.50 36.20 -10.13
C ILE A 205 16.35 35.07 -9.11
N LEU A 206 15.22 34.36 -9.15
CA LEU A 206 15.02 33.24 -8.23
C LEU A 206 16.10 32.19 -8.42
N ALA A 207 16.44 31.88 -9.66
CA ALA A 207 17.45 30.85 -9.92
C ALA A 207 18.80 31.29 -9.39
N THR A 208 19.21 32.52 -9.70
CA THR A 208 20.51 33.00 -9.20
C THR A 208 20.56 32.94 -7.68
N VAL A 209 19.58 33.53 -7.00
CA VAL A 209 19.61 33.62 -5.55
C VAL A 209 19.53 32.24 -4.91
N LEU A 210 18.56 31.43 -5.32
CA LEU A 210 18.33 30.15 -4.67
C LEU A 210 19.42 29.14 -4.99
N TYR A 211 19.94 29.15 -6.23
CA TYR A 211 21.04 28.26 -6.55
C TYR A 211 22.34 28.71 -5.90
N GLY A 212 22.49 30.00 -5.61
CA GLY A 212 23.63 30.42 -4.82
C GLY A 212 23.53 29.96 -3.38
N PHE A 213 22.32 30.00 -2.82
CA PHE A 213 22.10 29.40 -1.51
C PHE A 213 22.44 27.90 -1.52
N ILE A 214 22.02 27.20 -2.57
CA ILE A 214 22.32 25.79 -2.70
C ILE A 214 23.82 25.56 -2.76
N ALA A 215 24.53 26.41 -3.51
CA ALA A 215 25.97 26.27 -3.64
C ALA A 215 26.68 26.53 -2.32
N ARG A 216 26.25 27.53 -1.55
CA ARG A 216 26.91 27.79 -0.28
C ARG A 216 26.60 26.70 0.73
N ILE A 217 25.45 26.04 0.59
CA ILE A 217 25.19 24.86 1.42
C ILE A 217 26.13 23.73 1.04
N LEU A 218 26.31 23.51 -0.27
CA LEU A 218 27.10 22.36 -0.72
C LEU A 218 28.58 22.54 -0.39
N PHE A 219 29.10 23.75 -0.52
CA PHE A 219 30.53 23.94 -0.32
C PHE A 219 30.93 23.77 1.14
N LEU A 220 30.03 24.10 2.07
CA LEU A 220 30.33 23.86 3.48
C LEU A 220 29.52 22.68 4.00
N THR A 257 30.81 13.54 0.65
CA THR A 257 31.68 13.38 -0.52
C THR A 257 31.74 14.67 -1.32
N VAL A 258 32.91 15.33 -1.29
CA VAL A 258 33.07 16.61 -1.97
C VAL A 258 33.00 16.43 -3.48
N SER A 259 33.28 15.21 -3.96
CA SER A 259 33.13 14.94 -5.38
C SER A 259 31.69 15.08 -5.82
N SER A 260 30.73 14.79 -4.93
CA SER A 260 29.33 15.06 -5.24
C SER A 260 29.04 16.55 -5.20
N ARG A 261 29.89 17.33 -4.53
CA ARG A 261 29.72 18.78 -4.52
C ARG A 261 30.42 19.45 -5.69
N LYS A 262 31.28 18.74 -6.42
CA LYS A 262 32.05 19.39 -7.48
C LYS A 262 31.20 19.69 -8.71
N GLN A 263 30.62 18.67 -9.33
CA GLN A 263 29.97 18.89 -10.62
C GLN A 263 28.62 19.58 -10.49
N VAL A 264 27.98 19.48 -9.33
CA VAL A 264 26.64 20.04 -9.18
C VAL A 264 26.66 21.56 -9.27
N THR A 265 27.73 22.19 -8.79
CA THR A 265 27.77 23.65 -8.82
C THR A 265 27.94 24.16 -10.24
N LYS A 266 28.78 23.51 -11.05
CA LYS A 266 28.92 23.94 -12.42
C LYS A 266 27.66 23.63 -13.24
N MET A 267 26.97 22.54 -12.90
CA MET A 267 25.69 22.28 -13.54
C MET A 267 24.67 23.37 -13.22
N LEU A 268 24.62 23.80 -11.96
CA LEU A 268 23.70 24.88 -11.59
C LEU A 268 24.06 26.17 -12.32
N ALA A 269 25.35 26.46 -12.40
CA ALA A 269 25.79 27.67 -13.10
C ALA A 269 25.39 27.64 -14.57
N VAL A 270 25.57 26.50 -15.23
CA VAL A 270 25.28 26.45 -16.66
C VAL A 270 23.77 26.50 -16.89
N VAL A 271 22.98 25.95 -15.97
CA VAL A 271 21.53 26.09 -16.07
C VAL A 271 21.12 27.56 -16.02
N VAL A 272 21.65 28.30 -15.04
CA VAL A 272 21.26 29.71 -14.89
C VAL A 272 21.68 30.52 -16.11
N ILE A 273 22.93 30.35 -16.55
CA ILE A 273 23.42 31.15 -17.66
C ILE A 273 22.67 30.82 -18.94
N LEU A 274 22.39 29.54 -19.17
CA LEU A 274 21.65 29.14 -20.36
C LEU A 274 20.27 29.77 -20.37
N PHE A 275 19.55 29.68 -19.24
CA PHE A 275 18.21 30.28 -19.18
C PHE A 275 18.26 31.77 -19.49
N ALA A 276 19.05 32.52 -18.73
CA ALA A 276 19.09 33.97 -18.89
C ALA A 276 19.48 34.38 -20.30
N LEU A 277 20.59 33.83 -20.82
CA LEU A 277 21.12 34.27 -22.09
C LEU A 277 20.23 33.86 -23.26
N LEU A 278 19.68 32.64 -23.23
CA LEU A 278 18.88 32.20 -24.37
C LEU A 278 17.50 32.84 -24.35
N TRP A 279 17.02 33.27 -23.19
CA TRP A 279 15.71 33.91 -23.20
C TRP A 279 15.78 35.42 -23.40
N MET A 280 16.92 36.06 -23.18
CA MET A 280 16.96 37.51 -23.33
C MET A 280 16.60 38.03 -24.72
N PRO A 281 17.08 37.45 -25.84
CA PRO A 281 16.85 38.15 -27.12
C PRO A 281 15.40 38.26 -27.50
N TYR A 282 14.61 37.20 -27.38
CA TYR A 282 13.22 37.25 -27.79
C TYR A 282 12.42 38.23 -26.93
N ARG A 283 12.51 38.08 -25.61
CA ARG A 283 11.74 38.94 -24.71
C ARG A 283 12.11 40.40 -24.86
N THR A 284 13.42 40.68 -24.96
CA THR A 284 13.84 42.07 -25.10
C THR A 284 13.43 42.65 -26.46
N LEU A 285 13.52 41.86 -27.53
CA LEU A 285 13.03 42.34 -28.82
C LEU A 285 11.56 42.66 -28.77
N VAL A 286 10.78 41.81 -28.12
CA VAL A 286 9.35 41.97 -28.06
C VAL A 286 8.97 43.18 -27.23
N VAL A 287 9.74 43.48 -26.18
CA VAL A 287 9.46 44.66 -25.36
C VAL A 287 9.91 45.94 -26.07
N VAL A 288 11.09 45.92 -26.69
CA VAL A 288 11.58 47.07 -27.43
C VAL A 288 10.67 47.44 -28.59
N ASN A 289 10.09 46.45 -29.27
CA ASN A 289 9.26 46.75 -30.43
C ASN A 289 7.99 47.48 -30.06
N SER A 290 7.49 47.26 -28.84
CA SER A 290 6.27 47.92 -28.39
C SER A 290 6.48 49.38 -28.02
N PHE A 291 7.71 49.88 -28.05
CA PHE A 291 8.00 51.27 -27.74
C PHE A 291 8.73 52.00 -28.86
N LEU A 292 8.94 51.37 -30.01
CA LEU A 292 9.58 52.02 -31.14
C LEU A 292 8.54 52.70 -32.01
N SER A 293 9.01 53.56 -32.91
CA SER A 293 8.10 54.21 -33.85
C SER A 293 7.66 53.26 -34.95
N SER A 294 8.63 52.65 -35.63
CA SER A 294 8.38 51.57 -36.59
C SER A 294 9.28 50.43 -36.16
N PRO A 295 8.74 49.25 -35.88
CA PRO A 295 9.52 48.19 -35.25
C PRO A 295 10.64 47.64 -36.13
N PHE A 296 11.35 46.65 -35.58
CA PHE A 296 12.54 46.08 -36.18
C PHE A 296 12.24 44.63 -36.57
N GLN A 297 12.14 44.37 -37.87
CA GLN A 297 11.90 43.02 -38.34
C GLN A 297 13.17 42.34 -38.84
N GLU A 298 13.71 42.79 -39.96
CA GLU A 298 15.04 42.48 -40.50
C GLU A 298 15.31 41.00 -40.76
N ASN A 299 14.40 40.10 -40.42
CA ASN A 299 14.37 38.74 -40.96
C ASN A 299 15.61 37.89 -40.67
N TRP A 300 16.56 38.43 -39.92
CA TRP A 300 17.73 37.65 -39.53
C TRP A 300 17.90 37.73 -38.02
N PHE A 301 17.35 38.77 -37.42
CA PHE A 301 17.30 38.85 -35.96
C PHE A 301 16.18 37.98 -35.41
N LEU A 302 15.05 37.94 -36.11
CA LEU A 302 13.93 37.11 -35.67
C LEU A 302 14.28 35.62 -35.73
N LEU A 303 15.00 35.22 -36.78
CA LEU A 303 15.56 33.87 -36.79
C LEU A 303 16.43 33.61 -35.57
N PHE A 304 17.30 34.56 -35.23
CA PHE A 304 18.18 34.40 -34.08
C PHE A 304 17.38 34.15 -32.80
N CYS A 305 16.39 35.00 -32.53
CA CYS A 305 15.62 34.88 -31.31
C CYS A 305 14.84 33.57 -31.26
N ARG A 306 14.23 33.17 -32.38
CA ARG A 306 13.43 31.95 -32.36
C ARG A 306 14.31 30.72 -32.26
N ILE A 307 15.50 30.74 -32.85
CA ILE A 307 16.42 29.62 -32.69
C ILE A 307 16.86 29.51 -31.24
N CYS A 308 17.07 30.64 -30.57
CA CYS A 308 17.40 30.59 -29.15
C CYS A 308 16.27 29.94 -28.34
N ILE A 309 15.02 30.28 -28.69
CA ILE A 309 13.87 29.62 -28.06
C ILE A 309 13.95 28.11 -28.24
N TYR A 310 14.10 27.66 -29.48
CA TYR A 310 14.04 26.22 -29.75
C TYR A 310 15.25 25.50 -29.17
N LEU A 311 16.39 26.18 -29.08
CA LEU A 311 17.57 25.58 -28.46
C LEU A 311 17.37 25.39 -26.98
N ASN A 312 16.78 26.37 -26.30
CA ASN A 312 16.43 26.18 -24.90
C ASN A 312 15.50 24.98 -24.73
N SER A 313 14.48 24.89 -25.59
CA SER A 313 13.51 23.81 -25.46
C SER A 313 14.12 22.45 -25.74
N ALA A 314 15.05 22.38 -26.69
CA ALA A 314 15.72 21.12 -27.01
C ALA A 314 16.77 20.76 -25.99
N ILE A 315 17.37 21.75 -25.33
CA ILE A 315 18.44 21.52 -24.39
C ILE A 315 17.94 21.14 -23.01
N ASN A 316 16.74 21.59 -22.63
CA ASN A 316 16.17 21.26 -21.33
C ASN A 316 16.16 19.77 -20.98
N PRO A 317 15.77 18.85 -21.88
CA PRO A 317 15.85 17.43 -21.52
C PRO A 317 17.26 16.96 -21.17
N VAL A 318 18.25 17.40 -21.95
CA VAL A 318 19.64 17.01 -21.68
C VAL A 318 20.08 17.47 -20.30
N ILE A 319 19.79 18.73 -19.97
CA ILE A 319 20.38 19.29 -18.76
C ILE A 319 19.56 18.91 -17.53
N TYR A 320 18.32 18.44 -17.72
CA TYR A 320 17.52 18.11 -16.55
C TYR A 320 17.35 16.61 -16.32
N ASN A 321 17.50 15.78 -17.34
CA ASN A 321 17.32 14.33 -17.17
C ASN A 321 18.57 13.54 -17.54
N LEU A 322 19.15 13.77 -18.71
CA LEU A 322 20.24 12.92 -19.18
C LEU A 322 21.49 13.09 -18.33
N MET A 323 21.65 14.23 -17.69
CA MET A 323 22.79 14.47 -16.83
C MET A 323 22.63 13.86 -15.45
N SER A 324 21.48 13.25 -15.16
CA SER A 324 21.25 12.64 -13.87
C SER A 324 21.55 11.14 -13.93
N GLN A 325 21.51 10.52 -12.76
CA GLN A 325 21.74 9.09 -12.65
C GLN A 325 20.45 8.29 -12.59
N LYS A 326 19.39 8.87 -12.01
CA LYS A 326 18.10 8.23 -11.97
C LYS A 326 17.59 7.94 -13.38
N PHE A 327 17.63 8.94 -14.25
CA PHE A 327 17.13 8.79 -15.61
C PHE A 327 17.99 7.82 -16.40
N ARG A 328 19.30 7.83 -16.19
CA ARG A 328 20.18 6.93 -16.92
C ARG A 328 19.98 5.49 -16.49
N ALA A 329 19.80 5.26 -15.19
CA ALA A 329 19.50 3.91 -14.74
C ALA A 329 18.15 3.43 -15.26
N ALA A 330 17.15 4.33 -15.30
CA ALA A 330 15.85 3.95 -15.85
C ALA A 330 15.96 3.60 -17.33
N PHE A 331 16.76 4.35 -18.09
CA PHE A 331 16.94 4.03 -19.50
C PHE A 331 17.70 2.72 -19.68
N ARG A 332 18.66 2.44 -18.83
CA ARG A 332 19.35 1.18 -18.89
C ARG A 332 18.44 0.01 -18.54
N LYS A 333 17.65 0.09 -17.46
CA LYS A 333 16.73 -0.99 -17.15
C LYS A 333 15.67 -1.15 -18.25
N LEU A 334 15.22 -0.03 -18.79
CA LEU A 334 14.21 -0.07 -19.83
C LEU A 334 14.85 -0.51 -21.14
N CYS A 335 15.75 0.31 -21.67
CA CYS A 335 16.45 -0.05 -22.90
C CYS A 335 17.80 -0.64 -22.57
N ASN A 336 17.99 -1.92 -22.86
CA ASN A 336 19.26 -2.57 -22.60
C ASN A 336 20.43 -1.73 -23.12
N LEU B 5 -26.13 1.11 -5.30
CA LEU B 5 -27.44 0.91 -5.94
C LEU B 5 -28.54 0.79 -4.89
N SER B 6 -28.32 -0.07 -3.90
CA SER B 6 -29.26 -0.26 -2.81
C SER B 6 -28.93 0.67 -1.65
N ALA B 7 -29.92 0.88 -0.78
CA ALA B 7 -29.73 1.79 0.35
C ALA B 7 -28.66 1.27 1.30
N GLU B 8 -28.65 -0.03 1.57
CA GLU B 8 -27.60 -0.62 2.39
C GLU B 8 -26.24 -0.47 1.74
N ASP B 9 -26.18 -0.58 0.41
CA ASP B 9 -24.91 -0.37 -0.29
C ASP B 9 -24.42 1.06 -0.15
N LYS B 10 -25.33 2.04 -0.24
CA LYS B 10 -24.93 3.44 -0.06
C LYS B 10 -24.45 3.68 1.36
N ALA B 11 -25.13 3.10 2.36
CA ALA B 11 -24.67 3.26 3.74
C ALA B 11 -23.31 2.60 3.94
N ALA B 12 -23.09 1.45 3.32
CA ALA B 12 -21.80 0.77 3.43
C ALA B 12 -20.68 1.60 2.78
N VAL B 13 -20.95 2.20 1.62
CA VAL B 13 -19.89 2.98 0.98
C VAL B 13 -19.65 4.28 1.75
N GLU B 14 -20.68 4.82 2.41
CA GLU B 14 -20.45 5.97 3.29
C GLU B 14 -19.58 5.59 4.48
N ARG B 15 -19.82 4.42 5.06
CA ARG B 15 -18.96 3.92 6.13
C ARG B 15 -17.53 3.72 5.64
N SER B 16 -17.38 3.21 4.41
CA SER B 16 -16.04 3.04 3.84
C SER B 16 -15.35 4.39 3.64
N LYS B 17 -16.10 5.41 3.23
CA LYS B 17 -15.52 6.75 3.08
C LYS B 17 -15.09 7.32 4.43
N MET B 18 -15.87 7.08 5.49
CA MET B 18 -15.46 7.50 6.82
C MET B 18 -14.19 6.79 7.26
N ILE B 19 -14.09 5.50 6.97
CA ILE B 19 -12.87 4.75 7.28
C ILE B 19 -11.69 5.33 6.48
N ASP B 20 -11.93 5.71 5.24
CA ASP B 20 -10.89 6.32 4.42
C ASP B 20 -10.40 7.63 5.02
N ARG B 21 -11.32 8.45 5.50
CA ARG B 21 -10.94 9.71 6.15
C ARG B 21 -10.11 9.45 7.39
N ASN B 22 -10.53 8.49 8.21
CA ASN B 22 -9.76 8.16 9.42
C ASN B 22 -8.37 7.65 9.07
N LEU B 23 -8.26 6.79 8.05
CA LEU B 23 -6.97 6.27 7.63
C LEU B 23 -6.07 7.38 7.12
N ARG B 24 -6.61 8.29 6.33
CA ARG B 24 -5.81 9.41 5.81
C ARG B 24 -5.32 10.30 6.95
N GLU B 25 -6.18 10.58 7.93
CA GLU B 25 -5.76 11.39 9.07
C GLU B 25 -4.65 10.70 9.86
N ASP B 26 -4.82 9.41 10.13
CA ASP B 26 -3.80 8.68 10.90
C ASP B 26 -2.48 8.60 10.14
N GLY B 27 -2.54 8.37 8.83
CA GLY B 27 -1.31 8.33 8.04
C GLY B 27 -0.61 9.66 7.97
N GLU B 28 -1.38 10.75 7.85
CA GLU B 28 -0.80 12.08 7.87
C GLU B 28 -0.13 12.37 9.22
N LYS B 29 -0.76 11.93 10.31
CA LYS B 29 -0.16 12.11 11.62
C LYS B 29 1.14 11.32 11.76
N ALA B 30 1.14 10.08 11.29
CA ALA B 30 2.32 9.21 11.45
C ALA B 30 3.42 9.51 10.45
N ARG B 31 3.13 10.26 9.38
CA ARG B 31 4.12 10.58 8.36
C ARG B 31 5.24 11.47 8.87
N ARG B 32 4.98 12.31 9.87
CA ARG B 32 5.88 13.40 10.23
C ARG B 32 6.94 12.99 11.24
N GLU B 33 7.35 11.73 11.26
CA GLU B 33 8.38 11.26 12.18
C GLU B 33 9.49 10.56 11.40
N LEU B 34 10.71 10.67 11.93
CA LEU B 34 11.87 9.97 11.38
C LEU B 34 12.13 8.72 12.20
N LYS B 35 12.32 7.60 11.51
CA LYS B 35 12.50 6.31 12.15
C LYS B 35 13.97 5.91 12.09
N LEU B 36 14.51 5.50 13.23
CA LEU B 36 15.89 5.04 13.34
C LEU B 36 15.90 3.65 13.95
N LEU B 37 16.86 2.83 13.54
CA LEU B 37 16.98 1.47 14.01
C LEU B 37 18.31 1.31 14.73
N LEU B 38 18.28 0.72 15.92
CA LEU B 38 19.43 0.63 16.81
C LEU B 38 19.92 -0.80 16.90
N LEU B 39 21.19 -1.02 16.57
CA LEU B 39 21.80 -2.34 16.69
C LEU B 39 23.11 -2.24 17.46
N GLY B 40 23.52 -3.37 18.00
CA GLY B 40 24.72 -3.49 18.80
C GLY B 40 24.59 -4.67 19.75
N THR B 41 25.70 -5.21 20.20
CA THR B 41 25.70 -6.33 21.10
C THR B 41 25.48 -5.95 22.54
N GLY B 42 25.51 -6.90 23.45
CA GLY B 42 25.29 -6.66 24.86
C GLY B 42 26.30 -5.72 25.49
N GLU B 43 27.54 -5.84 25.05
CA GLU B 43 28.67 -5.03 25.50
C GLU B 43 28.60 -3.51 25.15
N SER B 44 27.79 -3.17 24.18
CA SER B 44 27.63 -1.83 23.65
C SER B 44 27.15 -0.62 24.41
N GLY B 45 26.21 -0.83 25.32
CA GLY B 45 25.63 0.26 26.09
C GLY B 45 24.57 1.00 25.27
N LYS B 46 24.13 0.37 24.18
CA LYS B 46 23.14 0.99 23.30
C LYS B 46 21.85 1.34 24.03
N SER B 47 21.60 0.71 25.18
CA SER B 47 20.40 1.06 25.95
C SER B 47 20.47 2.48 26.48
N THR B 48 21.65 2.92 26.93
CA THR B 48 21.85 4.26 27.46
C THR B 48 22.88 4.98 26.60
N PHE B 49 22.41 5.55 25.49
CA PHE B 49 23.22 6.49 24.71
C PHE B 49 22.44 7.72 24.27
N ILE B 50 21.12 7.73 24.39
CA ILE B 50 20.30 8.93 24.28
C ILE B 50 19.58 9.10 25.60
N LYS B 51 19.77 10.26 26.24
CA LYS B 51 19.26 10.45 27.59
C LYS B 51 17.75 10.61 27.63
N GLN B 52 17.16 11.20 26.59
CA GLN B 52 15.72 11.39 26.55
C GLN B 52 15.02 10.18 25.92
N GLY B 231 11.01 -8.32 22.62
CA GLY B 231 10.37 -8.07 21.34
C GLY B 231 10.81 -6.78 20.68
N ILE B 232 10.04 -5.71 20.92
CA ILE B 232 10.31 -4.39 20.35
C ILE B 232 10.41 -3.40 21.50
N PHE B 233 11.49 -2.63 21.52
CA PHE B 233 11.65 -1.54 22.48
C PHE B 233 11.38 -0.21 21.78
N GLU B 234 10.75 0.70 22.49
CA GLU B 234 10.28 1.97 21.94
C GLU B 234 11.01 3.12 22.60
N THR B 235 11.53 4.04 21.79
CA THR B 235 12.21 5.23 22.29
C THR B 235 11.85 6.41 21.42
N LYS B 236 11.51 7.54 22.04
CA LYS B 236 11.16 8.75 21.32
C LYS B 236 11.92 9.93 21.91
N PHE B 237 12.48 10.77 21.04
CA PHE B 237 13.14 11.99 21.47
C PHE B 237 12.99 13.04 20.38
N GLN B 238 13.08 14.30 20.79
CA GLN B 238 12.83 15.43 19.91
C GLN B 238 14.01 16.38 19.92
N VAL B 239 14.51 16.74 18.74
CA VAL B 239 15.61 17.68 18.59
C VAL B 239 15.18 18.72 17.55
N ASP B 240 15.17 19.99 17.96
CA ASP B 240 14.80 21.12 17.09
C ASP B 240 13.41 20.91 16.48
N LYS B 241 12.46 20.53 17.32
CA LYS B 241 11.07 20.29 16.95
C LYS B 241 10.93 19.21 15.87
N VAL B 242 11.87 18.28 15.82
CA VAL B 242 11.82 17.16 14.88
C VAL B 242 11.70 15.88 15.70
N ASN B 243 10.66 15.10 15.43
CA ASN B 243 10.38 13.88 16.18
C ASN B 243 11.18 12.72 15.62
N PHE B 244 11.91 12.05 16.50
CA PHE B 244 12.65 10.83 16.14
C PHE B 244 12.00 9.64 16.85
N HIS B 245 12.02 8.50 16.18
CA HIS B 245 11.38 7.29 16.68
C HIS B 245 12.38 6.14 16.51
N MET B 246 13.08 5.81 17.59
CA MET B 246 14.15 4.83 17.57
C MET B 246 13.65 3.48 18.07
N PHE B 247 14.04 2.42 17.38
CA PHE B 247 13.57 1.07 17.67
C PHE B 247 14.75 0.16 18.00
N ASP B 248 14.56 -0.68 19.01
CA ASP B 248 15.56 -1.66 19.43
C ASP B 248 14.87 -3.01 19.49
N VAL B 249 15.45 -4.01 18.84
CA VAL B 249 14.89 -5.36 18.79
C VAL B 249 15.66 -6.21 19.80
N GLY B 250 14.96 -6.66 20.83
CA GLY B 250 15.59 -7.46 21.87
C GLY B 250 15.05 -8.86 21.99
N GLY B 251 15.83 -9.76 22.57
CA GLY B 251 15.40 -11.13 22.80
C GLY B 251 15.55 -12.06 21.63
N GLN B 252 16.08 -11.59 20.50
CA GLN B 252 16.24 -12.42 19.32
C GLN B 252 17.68 -12.92 19.24
N ARG B 253 18.01 -13.60 18.14
CA ARG B 253 19.37 -14.09 17.92
C ARG B 253 20.09 -13.17 16.95
N ASP B 254 21.32 -12.78 17.31
CA ASP B 254 22.09 -11.83 16.53
C ASP B 254 22.87 -12.48 15.39
N GLU B 255 22.78 -13.79 15.23
CA GLU B 255 23.53 -14.46 14.17
C GLU B 255 22.92 -14.18 12.80
N ARG B 256 21.67 -14.60 12.61
CA ARG B 256 20.95 -14.38 11.36
C ARG B 256 19.79 -13.43 11.62
N ARG B 257 19.72 -12.37 10.82
CA ARG B 257 18.79 -11.26 11.02
C ARG B 257 17.99 -11.09 9.73
N LYS B 258 16.89 -11.83 9.61
CA LYS B 258 16.06 -11.77 8.41
C LYS B 258 14.88 -10.83 8.57
N TRP B 259 14.64 -10.31 9.77
CA TRP B 259 13.61 -9.30 9.97
C TRP B 259 14.08 -7.91 9.59
N ILE B 260 15.28 -7.78 9.02
CA ILE B 260 15.76 -6.48 8.55
C ILE B 260 14.90 -5.97 7.40
N GLN B 261 14.31 -6.89 6.63
CA GLN B 261 13.52 -6.50 5.47
C GLN B 261 12.30 -5.67 5.84
N CYS B 262 11.79 -5.80 7.07
CA CYS B 262 10.69 -4.95 7.51
C CYS B 262 11.17 -3.62 8.06
N PHE B 263 12.48 -3.45 8.22
CA PHE B 263 13.07 -2.18 8.65
C PHE B 263 13.71 -1.44 7.48
N ASN B 264 13.34 -1.79 6.25
CA ASN B 264 13.80 -1.03 5.09
C ASN B 264 13.14 0.34 5.07
N ASP B 265 13.75 1.25 4.31
CA ASP B 265 13.27 2.62 4.13
C ASP B 265 13.20 3.39 5.45
N VAL B 266 14.11 3.07 6.38
CA VAL B 266 14.28 3.88 7.58
C VAL B 266 15.25 5.01 7.26
N THR B 267 15.28 6.04 8.11
CA THR B 267 16.18 7.17 7.87
C THR B 267 17.64 6.75 8.05
N ALA B 268 17.94 6.02 9.12
CA ALA B 268 19.31 5.63 9.39
C ALA B 268 19.32 4.41 10.30
N ILE B 269 20.48 3.76 10.38
CA ILE B 269 20.72 2.64 11.27
C ILE B 269 21.84 3.03 12.22
N ILE B 270 21.60 2.91 13.51
CA ILE B 270 22.57 3.30 14.53
C ILE B 270 23.25 2.03 15.03
N PHE B 271 24.56 1.94 14.79
CA PHE B 271 25.38 0.82 15.23
C PHE B 271 26.34 1.29 16.31
N VAL B 272 26.20 0.73 17.51
CA VAL B 272 27.04 1.07 18.66
C VAL B 272 28.05 -0.05 18.84
N VAL B 273 29.33 0.32 18.90
CA VAL B 273 30.43 -0.64 19.03
C VAL B 273 31.06 -0.48 20.40
N ASP B 274 31.15 -1.58 21.13
CA ASP B 274 31.83 -1.58 22.43
C ASP B 274 33.33 -1.49 22.19
N SER B 275 33.89 -0.31 22.41
CA SER B 275 35.33 -0.15 22.32
C SER B 275 35.98 -0.67 23.60
N SER B 276 37.33 -0.70 23.60
CA SER B 276 38.14 -1.15 24.72
C SER B 276 37.91 -2.62 25.03
N ASP B 277 37.26 -3.35 24.13
CA ASP B 277 37.05 -4.79 24.27
C ASP B 277 37.68 -5.44 23.03
N TYR B 278 38.98 -5.74 23.14
CA TYR B 278 39.73 -6.20 21.98
C TYR B 278 39.36 -7.63 21.58
N ASN B 279 38.71 -8.38 22.47
CA ASN B 279 38.38 -9.77 22.15
C ASN B 279 37.22 -9.88 21.17
N ARG B 280 36.27 -8.94 21.21
CA ARG B 280 35.11 -8.99 20.34
C ARG B 280 35.08 -7.87 19.31
N LEU B 281 36.21 -7.17 19.12
CA LEU B 281 36.27 -6.16 18.07
C LEU B 281 36.15 -6.80 16.70
N GLN B 282 36.74 -7.99 16.51
CA GLN B 282 36.59 -8.70 15.25
C GLN B 282 35.15 -9.11 15.00
N GLU B 283 34.45 -9.56 16.04
CA GLU B 283 33.04 -9.91 15.90
C GLU B 283 32.19 -8.69 15.56
N ALA B 284 32.49 -7.55 16.19
CA ALA B 284 31.78 -6.31 15.86
C ALA B 284 32.05 -5.89 14.42
N LEU B 285 33.29 -6.03 13.96
CA LEU B 285 33.61 -5.70 12.57
C LEU B 285 32.87 -6.63 11.61
N ASN B 286 32.79 -7.91 11.95
CA ASN B 286 32.06 -8.86 11.11
C ASN B 286 30.57 -8.52 11.05
N ASP B 287 29.99 -8.14 12.19
CA ASP B 287 28.58 -7.75 12.22
C ASP B 287 28.34 -6.49 11.37
N PHE B 288 29.25 -5.51 11.48
CA PHE B 288 29.12 -4.30 10.66
C PHE B 288 29.26 -4.63 9.18
N LYS B 289 30.16 -5.55 8.84
CA LYS B 289 30.32 -5.96 7.44
C LYS B 289 29.07 -6.66 6.92
N SER B 290 28.46 -7.51 7.76
CA SER B 290 27.24 -8.21 7.36
C SER B 290 26.09 -7.24 7.15
N ILE B 291 25.95 -6.25 8.03
CA ILE B 291 24.87 -5.28 7.89
C ILE B 291 25.11 -4.38 6.68
N TRP B 292 26.36 -3.97 6.47
CA TRP B 292 26.68 -3.03 5.40
C TRP B 292 26.42 -3.64 4.03
N ASN B 293 26.62 -4.95 3.89
CA ASN B 293 26.46 -5.64 2.62
C ASN B 293 25.11 -6.35 2.49
N ASN B 294 24.18 -6.07 3.37
CA ASN B 294 22.84 -6.64 3.26
C ASN B 294 22.13 -6.08 2.04
N ARG B 295 21.38 -6.93 1.34
CA ARG B 295 20.74 -6.52 0.10
C ARG B 295 19.56 -5.58 0.31
N TRP B 296 19.00 -5.54 1.52
CA TRP B 296 17.89 -4.65 1.83
C TRP B 296 18.33 -3.33 2.41
N LEU B 297 19.63 -3.14 2.66
CA LEU B 297 20.16 -1.91 3.23
C LEU B 297 21.19 -1.26 2.30
N ARG B 298 21.02 -1.45 1.00
CA ARG B 298 21.98 -0.89 0.04
C ARG B 298 21.91 0.63 0.00
N THR B 299 20.73 1.21 0.24
CA THR B 299 20.54 2.65 0.18
C THR B 299 20.31 3.28 1.55
N ILE B 300 20.62 2.56 2.62
CA ILE B 300 20.40 3.05 3.98
C ILE B 300 21.76 3.31 4.62
N SER B 301 21.95 4.53 5.12
CA SER B 301 23.19 4.92 5.76
C SER B 301 23.23 4.43 7.21
N VAL B 302 24.44 4.39 7.76
CA VAL B 302 24.68 3.89 9.11
C VAL B 302 25.40 4.96 9.92
N ILE B 303 24.87 5.25 11.10
CA ILE B 303 25.53 6.14 12.06
C ILE B 303 26.25 5.27 13.08
N LEU B 304 27.57 5.41 13.15
CA LEU B 304 28.40 4.55 13.96
C LEU B 304 28.83 5.26 15.23
N PHE B 305 28.64 4.60 16.37
CA PHE B 305 29.03 5.13 17.68
C PHE B 305 30.02 4.18 18.33
N LEU B 306 31.14 4.73 18.78
CA LEU B 306 32.15 3.98 19.53
C LEU B 306 32.02 4.38 21.00
N ASN B 307 31.28 3.59 21.76
CA ASN B 307 30.87 3.97 23.11
C ASN B 307 32.01 3.80 24.11
N LYS B 308 31.95 4.62 25.17
CA LYS B 308 32.87 4.62 26.31
C LYS B 308 34.33 4.53 25.87
N GLN B 309 34.75 5.60 25.20
CA GLN B 309 36.16 5.77 24.86
C GLN B 309 37.03 5.99 26.09
N ASP B 310 36.42 6.29 27.24
CA ASP B 310 37.19 6.47 28.46
C ASP B 310 37.94 5.21 28.83
N LEU B 311 37.23 4.07 28.91
CA LEU B 311 37.87 2.81 29.24
C LEU B 311 38.98 2.46 28.25
N LEU B 312 38.79 2.83 26.97
CA LEU B 312 39.88 2.72 26.01
C LEU B 312 41.07 3.57 26.44
N ALA B 313 40.81 4.77 26.96
CA ALA B 313 41.90 5.64 27.38
C ALA B 313 42.70 5.03 28.53
N GLU B 314 42.01 4.52 29.57
CA GLU B 314 42.79 3.88 30.63
C GLU B 314 43.47 2.61 30.15
N LYS B 315 42.85 1.85 29.25
CA LYS B 315 43.51 0.63 28.76
C LYS B 315 44.78 0.95 27.99
N VAL B 316 44.76 1.99 27.16
CA VAL B 316 45.96 2.32 26.39
C VAL B 316 46.98 3.11 27.19
N LEU B 317 46.57 3.75 28.29
CA LEU B 317 47.53 4.48 29.11
C LEU B 317 48.16 3.61 30.19
N ALA B 318 47.46 2.57 30.66
CA ALA B 318 47.98 1.72 31.72
C ALA B 318 48.81 0.56 31.20
N GLY B 319 48.86 0.35 29.89
CA GLY B 319 49.64 -0.75 29.35
C GLY B 319 49.00 -2.10 29.64
N LYS B 320 49.84 -3.14 29.57
CA LYS B 320 49.54 -4.53 29.90
C LYS B 320 48.32 -5.07 29.16
N SER B 321 47.88 -4.38 28.11
CA SER B 321 46.78 -4.82 27.26
C SER B 321 47.12 -4.35 25.84
N LYS B 322 47.74 -5.24 25.07
CA LYS B 322 48.32 -4.87 23.78
C LYS B 322 47.31 -5.11 22.67
N ILE B 323 46.92 -4.04 21.97
CA ILE B 323 46.12 -4.17 20.77
C ILE B 323 46.93 -4.74 19.63
N GLU B 324 48.26 -4.74 19.75
CA GLU B 324 49.12 -5.37 18.74
C GLU B 324 48.86 -6.86 18.65
N ASP B 325 48.60 -7.51 19.79
CA ASP B 325 48.37 -8.95 19.80
C ASP B 325 47.11 -9.33 19.05
N TYR B 326 46.05 -8.53 19.18
CA TYR B 326 44.78 -8.81 18.51
C TYR B 326 44.73 -8.31 17.07
N PHE B 327 45.57 -7.35 16.71
CA PHE B 327 45.62 -6.83 15.35
C PHE B 327 47.07 -6.65 14.94
N PRO B 328 47.57 -7.43 13.97
CA PRO B 328 48.97 -7.29 13.55
C PRO B 328 49.25 -6.02 12.76
N GLU B 329 48.22 -5.33 12.27
CA GLU B 329 48.43 -4.08 11.54
C GLU B 329 48.83 -2.93 12.45
N PHE B 330 48.71 -3.09 13.77
CA PHE B 330 49.09 -2.03 14.71
C PHE B 330 50.56 -2.12 15.07
N ALA B 331 51.41 -2.25 14.05
CA ALA B 331 52.85 -2.20 14.22
C ALA B 331 53.55 -1.30 13.21
N ARG B 332 52.93 -1.05 12.06
CA ARG B 332 53.43 -0.08 11.09
C ARG B 332 52.50 1.11 10.94
N TYR B 333 51.34 1.10 11.58
CA TYR B 333 50.40 2.20 11.48
C TYR B 333 50.90 3.42 12.24
N THR B 334 50.80 4.58 11.61
CA THR B 334 51.11 5.86 12.23
C THR B 334 49.88 6.75 12.13
N THR B 335 49.68 7.59 13.14
CA THR B 335 48.50 8.45 13.16
C THR B 335 48.57 9.46 12.01
N PRO B 336 47.45 9.77 11.38
CA PRO B 336 47.45 10.73 10.27
C PRO B 336 47.93 12.11 10.72
N GLU B 337 48.69 12.77 9.84
CA GLU B 337 49.19 14.11 10.15
C GLU B 337 48.10 15.17 9.99
N ASP B 338 47.09 14.87 9.18
CA ASP B 338 46.06 15.87 8.89
C ASP B 338 45.10 16.03 10.06
N ALA B 339 44.45 14.94 10.48
CA ALA B 339 43.47 15.02 11.55
C ALA B 339 44.12 15.34 12.88
N THR B 340 43.38 16.02 13.75
CA THR B 340 43.93 16.50 15.00
C THR B 340 43.16 15.91 16.19
N PRO B 341 43.85 15.64 17.30
CA PRO B 341 43.16 15.13 18.49
C PRO B 341 42.60 16.25 19.36
N GLU B 342 42.08 15.87 20.53
CA GLU B 342 41.63 16.83 21.52
C GLU B 342 42.84 17.58 22.07
N PRO B 343 42.64 18.81 22.57
CA PRO B 343 43.78 19.60 23.07
C PRO B 343 44.52 18.93 24.22
N GLY B 344 43.81 18.20 25.08
CA GLY B 344 44.46 17.55 26.20
C GLY B 344 44.69 16.06 26.01
N GLU B 345 44.30 15.54 24.85
CA GLU B 345 44.40 14.10 24.60
C GLU B 345 45.85 13.69 24.37
N ASP B 346 46.21 12.52 24.89
CA ASP B 346 47.54 11.98 24.72
C ASP B 346 47.70 11.42 23.30
N PRO B 347 48.92 11.42 22.77
CA PRO B 347 49.12 10.84 21.43
C PRO B 347 48.85 9.35 21.36
N ARG B 348 49.02 8.63 22.48
CA ARG B 348 48.83 7.18 22.46
C ARG B 348 47.37 6.79 22.32
N VAL B 349 46.45 7.57 22.90
CA VAL B 349 45.03 7.29 22.78
C VAL B 349 44.57 7.50 21.34
N THR B 350 45.07 8.57 20.70
CA THR B 350 44.58 8.99 19.40
C THR B 350 44.91 7.96 18.32
N ARG B 351 46.10 7.36 18.40
CA ARG B 351 46.50 6.36 17.41
C ARG B 351 45.57 5.14 17.46
N ALA B 352 45.28 4.66 18.66
CA ALA B 352 44.38 3.53 18.81
C ALA B 352 42.96 3.87 18.34
N LYS B 353 42.48 5.07 18.71
CA LYS B 353 41.17 5.50 18.26
C LYS B 353 41.08 5.56 16.74
N TYR B 354 42.12 6.09 16.10
CA TYR B 354 42.11 6.26 14.66
C TYR B 354 42.23 4.92 13.96
N PHE B 355 42.96 3.97 14.53
CA PHE B 355 43.03 2.63 13.95
C PHE B 355 41.67 1.93 14.03
N ILE B 356 41.00 2.03 15.19
CA ILE B 356 39.70 1.39 15.35
C ILE B 356 38.67 2.01 14.41
N ARG B 357 38.69 3.34 14.27
CA ARG B 357 37.80 3.99 13.32
C ARG B 357 38.15 3.64 11.88
N LYS B 358 39.45 3.49 11.57
CA LYS B 358 39.89 3.18 10.22
C LYS B 358 39.39 1.81 9.78
N GLU B 359 39.33 0.85 10.71
CA GLU B 359 38.83 -0.48 10.35
C GLU B 359 37.40 -0.39 9.80
N PHE B 360 36.52 0.29 10.53
CA PHE B 360 35.13 0.43 10.09
C PHE B 360 35.02 1.29 8.83
N VAL B 361 35.85 2.33 8.72
CA VAL B 361 35.82 3.17 7.53
C VAL B 361 36.26 2.37 6.31
N ASP B 362 37.27 1.51 6.45
CA ASP B 362 37.71 0.67 5.35
C ASP B 362 36.63 -0.31 4.94
N ILE B 363 35.94 -0.93 5.91
CA ILE B 363 34.84 -1.82 5.56
C ILE B 363 33.73 -1.05 4.85
N SER B 364 33.44 0.17 5.31
CA SER B 364 32.40 0.97 4.68
C SER B 364 32.76 1.35 3.24
N THR B 365 34.01 1.72 3.01
CA THR B 365 34.44 2.18 1.70
C THR B 365 34.83 1.04 0.76
N ALA B 366 34.87 -0.20 1.26
CA ALA B 366 35.19 -1.33 0.39
C ALA B 366 34.12 -1.57 -0.67
N SER B 367 32.89 -1.14 -0.44
CA SER B 367 31.80 -1.34 -1.39
C SER B 367 30.73 -0.28 -1.11
N GLY B 368 29.56 -0.48 -1.71
CA GLY B 368 28.41 0.40 -1.52
C GLY B 368 28.09 1.28 -2.71
N ASP B 369 29.07 1.53 -3.58
CA ASP B 369 28.91 2.32 -4.81
C ASP B 369 28.43 3.74 -4.53
N GLY B 370 28.65 4.25 -3.32
CA GLY B 370 28.33 5.63 -2.99
C GLY B 370 26.88 5.91 -2.69
N ARG B 371 26.02 4.88 -2.65
CA ARG B 371 24.61 5.12 -2.37
C ARG B 371 24.39 5.41 -0.88
N HIS B 372 25.16 4.77 0.00
CA HIS B 372 25.04 4.97 1.43
C HIS B 372 26.44 5.05 2.03
N ILE B 373 26.60 5.92 3.02
CA ILE B 373 27.88 6.16 3.66
C ILE B 373 27.73 5.97 5.17
N CYS B 374 28.87 5.97 5.86
CA CYS B 374 28.94 5.75 7.29
C CYS B 374 29.49 6.99 7.99
N TYR B 375 29.01 7.24 9.20
CA TYR B 375 29.39 8.42 9.99
C TYR B 375 29.97 7.99 11.32
N PRO B 376 31.30 7.88 11.43
CA PRO B 376 31.90 7.50 12.71
C PRO B 376 31.74 8.58 13.76
N HIS B 377 31.66 8.15 15.01
CA HIS B 377 31.52 9.06 16.14
C HIS B 377 32.16 8.45 17.37
N PHE B 378 32.90 9.25 18.12
CA PHE B 378 33.49 8.83 19.39
C PHE B 378 32.64 9.40 20.52
N THR B 379 32.16 8.52 21.39
CA THR B 379 31.27 8.92 22.48
C THR B 379 31.59 8.12 23.73
N CYS B 380 31.17 8.66 24.87
CA CYS B 380 31.31 7.99 26.15
C CYS B 380 29.93 7.92 26.83
N ALA B 381 29.92 7.37 28.05
CA ALA B 381 28.66 7.12 28.75
C ALA B 381 28.06 8.38 29.36
N VAL B 382 28.81 9.47 29.43
CA VAL B 382 28.34 10.70 30.05
C VAL B 382 28.14 11.83 29.03
N ASP B 383 28.14 11.49 27.75
CA ASP B 383 27.89 12.49 26.72
C ASP B 383 26.39 12.77 26.61
N THR B 384 26.06 14.05 26.40
CA THR B 384 24.67 14.48 26.22
C THR B 384 24.45 15.13 24.86
N GLU B 385 25.40 15.00 23.94
CA GLU B 385 25.30 15.62 22.62
C GLU B 385 25.06 14.61 21.51
N ASN B 386 24.71 13.37 21.86
CA ASN B 386 24.51 12.33 20.84
C ASN B 386 23.26 12.59 20.01
N ALA B 387 22.22 13.19 20.62
CA ALA B 387 21.01 13.50 19.88
C ALA B 387 21.28 14.53 18.79
N ARG B 388 22.09 15.55 19.10
CA ARG B 388 22.47 16.52 18.08
C ARG B 388 23.31 15.89 16.98
N ARG B 389 24.18 14.94 17.34
CA ARG B 389 24.96 14.22 16.33
C ARG B 389 24.06 13.44 15.39
N ILE B 390 23.05 12.77 15.96
CA ILE B 390 22.10 12.01 15.14
C ILE B 390 21.30 12.95 14.26
N PHE B 391 20.91 14.11 14.79
CA PHE B 391 20.15 15.08 14.00
C PHE B 391 20.96 15.60 12.81
N ASN B 392 22.23 15.94 13.06
CA ASN B 392 23.09 16.41 11.97
C ASN B 392 23.33 15.33 10.94
N ASP B 393 23.58 14.10 11.38
CA ASP B 393 23.79 13.00 10.45
C ASP B 393 22.55 12.72 9.63
N CYS B 394 21.37 12.82 10.25
CA CYS B 394 20.12 12.64 9.52
C CYS B 394 19.92 13.73 8.48
N LYS B 395 20.26 14.98 8.83
CA LYS B 395 20.19 16.05 7.84
C LYS B 395 21.10 15.78 6.66
N ASP B 396 22.33 15.31 6.94
CA ASP B 396 23.24 14.97 5.85
C ASP B 396 22.70 13.83 5.00
N ILE B 397 22.11 12.82 5.64
CA ILE B 397 21.56 11.67 4.92
C ILE B 397 20.43 12.12 3.98
N ILE B 398 19.50 12.93 4.51
CA ILE B 398 18.39 13.38 3.69
C ILE B 398 18.88 14.32 2.59
N LEU B 399 19.88 15.14 2.87
CA LEU B 399 20.44 16.00 1.83
C LEU B 399 21.05 15.19 0.70
N GLN B 400 21.82 14.15 1.03
CA GLN B 400 22.37 13.29 -0.01
C GLN B 400 21.28 12.52 -0.75
N MET B 401 20.20 12.17 -0.06
CA MET B 401 19.10 11.48 -0.73
C MET B 401 18.38 12.41 -1.72
N ASN B 402 18.15 13.67 -1.33
CA ASN B 402 17.49 14.60 -2.23
C ASN B 402 18.42 15.09 -3.33
N LEU B 403 19.74 14.99 -3.13
CA LEU B 403 20.66 15.31 -4.22
C LEU B 403 20.54 14.34 -5.37
N ARG B 404 20.08 13.12 -5.12
CA ARG B 404 19.87 12.12 -6.16
C ARG B 404 18.40 12.03 -6.59
N GLU B 405 17.46 12.16 -5.66
CA GLU B 405 16.04 12.15 -6.01
C GLU B 405 15.71 13.32 -6.92
N TYR B 406 16.21 14.51 -6.58
CA TYR B 406 16.14 15.66 -7.47
C TYR B 406 17.41 15.68 -8.31
N ASN B 407 17.25 15.85 -9.62
CA ASN B 407 18.33 15.57 -10.58
C ASN B 407 19.41 16.64 -10.47
N LEU B 408 20.28 16.46 -9.49
CA LEU B 408 21.43 17.35 -9.28
C LEU B 408 22.76 16.65 -9.43
N VAL B 409 22.92 15.45 -8.85
CA VAL B 409 24.17 14.71 -8.95
C VAL B 409 24.09 13.71 -10.10
N GLU C 8 31.42 -43.11 22.04
CA GLU C 8 30.04 -42.83 22.44
C GLU C 8 29.30 -42.07 21.34
N LEU C 9 29.77 -40.86 21.05
CA LEU C 9 29.13 -40.04 20.02
C LEU C 9 29.44 -40.54 18.62
N ASP C 10 30.58 -41.20 18.43
CA ASP C 10 30.97 -41.69 17.11
C ASP C 10 29.99 -42.74 16.61
N GLN C 11 29.56 -43.65 17.50
CA GLN C 11 28.60 -44.67 17.09
C GLN C 11 27.26 -44.07 16.69
N LEU C 12 26.80 -43.06 17.43
CA LEU C 12 25.54 -42.40 17.09
C LEU C 12 25.66 -41.67 15.76
N ARG C 13 26.79 -41.00 15.52
CA ARG C 13 26.99 -40.31 14.25
C ARG C 13 27.02 -41.30 13.09
N GLN C 14 27.71 -42.43 13.26
CA GLN C 14 27.76 -43.44 12.22
C GLN C 14 26.38 -44.03 11.95
N GLU C 15 25.60 -44.28 13.00
CA GLU C 15 24.24 -44.79 12.82
C GLU C 15 23.36 -43.79 12.10
N ALA C 16 23.49 -42.50 12.44
CA ALA C 16 22.71 -41.47 11.75
C ALA C 16 23.09 -41.39 10.28
N GLU C 17 24.39 -41.47 9.97
CA GLU C 17 24.82 -41.45 8.58
C GLU C 17 24.29 -42.67 7.82
N GLN C 18 24.32 -43.85 8.46
CA GLN C 18 23.80 -45.05 7.82
C GLN C 18 22.31 -44.95 7.58
N LEU C 19 21.57 -44.37 8.52
CA LEU C 19 20.13 -44.18 8.34
C LEU C 19 19.85 -43.22 7.20
N LYS C 20 20.61 -42.13 7.11
CA LYS C 20 20.44 -41.19 6.01
C LYS C 20 20.73 -41.85 4.67
N ASN C 21 21.78 -42.66 4.62
CA ASN C 21 22.10 -43.40 3.39
C ASN C 21 20.98 -44.37 3.03
N GLN C 22 20.40 -45.05 4.02
CA GLN C 22 19.32 -45.98 3.76
C GLN C 22 18.09 -45.26 3.22
N ILE C 23 17.75 -44.10 3.78
CA ILE C 23 16.59 -43.36 3.31
C ILE C 23 16.83 -42.83 1.90
N ARG C 24 18.07 -42.38 1.61
CA ARG C 24 18.39 -41.94 0.26
C ARG C 24 18.29 -43.10 -0.74
N ASP C 25 18.75 -44.29 -0.33
CA ASP C 25 18.63 -45.46 -1.20
C ASP C 25 17.16 -45.82 -1.42
N ALA C 26 16.33 -45.65 -0.39
CA ALA C 26 14.90 -45.89 -0.56
C ALA C 26 14.28 -44.91 -1.56
N ARG C 27 14.66 -43.64 -1.48
CA ARG C 27 14.19 -42.67 -2.47
C ARG C 27 14.65 -43.05 -3.87
N LYS C 28 15.91 -43.46 -4.01
CA LYS C 28 16.44 -43.81 -5.32
C LYS C 28 15.74 -45.03 -5.89
N ALA C 29 15.44 -46.02 -5.03
CA ALA C 29 14.75 -47.22 -5.49
C ALA C 29 13.29 -46.94 -5.83
N CYS C 30 12.68 -45.93 -5.19
CA CYS C 30 11.30 -45.58 -5.48
C CYS C 30 11.17 -44.63 -6.67
N ALA C 31 12.27 -44.21 -7.28
CA ALA C 31 12.24 -43.29 -8.42
C ALA C 31 12.28 -44.10 -9.71
N ASP C 32 11.13 -44.71 -10.03
CA ASP C 32 11.02 -45.53 -11.24
C ASP C 32 10.91 -44.70 -12.51
N ALA C 33 10.40 -43.48 -12.43
CA ALA C 33 10.21 -42.65 -13.61
C ALA C 33 10.20 -41.19 -13.19
N THR C 34 10.18 -40.32 -14.20
CA THR C 34 10.16 -38.87 -14.01
C THR C 34 8.78 -38.34 -14.36
N LEU C 35 8.33 -37.33 -13.61
CA LEU C 35 7.03 -36.73 -13.87
C LEU C 35 6.98 -36.08 -15.24
N SER C 36 8.07 -35.43 -15.66
CA SER C 36 8.10 -34.77 -16.96
C SER C 36 7.96 -35.77 -18.09
N GLN C 37 8.60 -36.94 -17.97
CA GLN C 37 8.48 -37.97 -19.00
C GLN C 37 7.05 -38.47 -19.12
N ILE C 38 6.36 -38.62 -18.00
CA ILE C 38 4.98 -39.09 -18.02
C ILE C 38 4.06 -38.02 -18.59
N THR C 39 4.29 -36.76 -18.23
CA THR C 39 3.38 -35.67 -18.60
C THR C 39 3.73 -35.01 -19.93
N ASN C 40 4.79 -35.46 -20.61
CA ASN C 40 5.16 -34.88 -21.90
C ASN C 40 4.05 -34.99 -22.94
N ASN C 41 3.20 -36.01 -22.82
CA ASN C 41 2.11 -36.20 -23.77
C ASN C 41 0.88 -35.36 -23.45
N ILE C 42 0.89 -34.63 -22.34
CA ILE C 42 -0.25 -33.81 -21.95
C ILE C 42 -0.20 -32.49 -22.70
N ASP C 43 -1.35 -32.07 -23.24
CA ASP C 43 -1.42 -30.81 -23.97
C ASP C 43 -1.16 -29.64 -23.02
N PRO C 44 -0.41 -28.63 -23.46
CA PRO C 44 -0.13 -27.49 -22.58
C PRO C 44 -1.36 -26.63 -22.38
N VAL C 45 -1.33 -25.85 -21.28
CA VAL C 45 -2.45 -24.99 -20.92
C VAL C 45 -2.55 -23.75 -21.77
N GLY C 46 -1.56 -23.47 -22.61
CA GLY C 46 -1.62 -22.30 -23.46
C GLY C 46 -1.15 -21.04 -22.74
N ARG C 47 -1.66 -19.90 -23.20
CA ARG C 47 -1.31 -18.60 -22.64
C ARG C 47 -2.40 -18.12 -21.72
N ILE C 48 -2.03 -17.77 -20.48
CA ILE C 48 -2.95 -17.27 -19.48
C ILE C 48 -2.85 -15.75 -19.46
N GLN C 49 -3.95 -15.07 -19.74
CA GLN C 49 -4.00 -13.62 -19.79
C GLN C 49 -4.98 -13.14 -18.72
N MET C 50 -4.46 -12.79 -17.55
CA MET C 50 -5.27 -12.30 -16.45
C MET C 50 -5.19 -10.78 -16.40
N ARG C 51 -6.35 -10.13 -16.26
CA ARG C 51 -6.44 -8.68 -16.20
C ARG C 51 -6.81 -8.26 -14.79
N THR C 52 -6.22 -7.15 -14.33
CA THR C 52 -6.56 -6.62 -13.01
C THR C 52 -7.98 -6.06 -13.04
N ARG C 53 -8.81 -6.55 -12.12
CA ARG C 53 -10.22 -6.18 -12.09
C ARG C 53 -10.57 -5.24 -10.96
N ARG C 54 -9.93 -5.38 -9.80
CA ARG C 54 -10.11 -4.48 -8.68
C ARG C 54 -8.76 -4.05 -8.15
N THR C 55 -8.63 -2.77 -7.82
CA THR C 55 -7.44 -2.23 -7.17
C THR C 55 -7.86 -1.71 -5.80
N LEU C 56 -7.24 -2.23 -4.74
CA LEU C 56 -7.63 -1.94 -3.38
C LEU C 56 -6.68 -0.89 -2.80
N ARG C 57 -7.23 0.27 -2.44
CA ARG C 57 -6.45 1.40 -1.95
C ARG C 57 -6.89 1.76 -0.53
N GLY C 58 -5.94 2.28 0.23
CA GLY C 58 -6.21 2.66 1.60
C GLY C 58 -5.04 2.38 2.54
N HIS C 59 -4.22 1.41 2.19
CA HIS C 59 -3.00 1.17 2.95
C HIS C 59 -1.97 2.25 2.62
N LEU C 60 -1.21 2.68 3.64
CA LEU C 60 -0.22 3.73 3.48
C LEU C 60 1.19 3.25 3.82
N ALA C 61 1.44 1.95 3.74
CA ALA C 61 2.75 1.38 4.01
C ALA C 61 2.85 0.05 3.25
N LYS C 62 3.93 -0.69 3.51
CA LYS C 62 4.15 -1.95 2.81
C LYS C 62 3.18 -3.01 3.31
N ILE C 63 2.42 -3.60 2.39
CA ILE C 63 1.52 -4.70 2.70
C ILE C 63 2.36 -5.97 2.82
N TYR C 64 2.21 -6.68 3.94
CA TYR C 64 3.02 -7.85 4.22
C TYR C 64 2.26 -9.16 4.25
N ALA C 65 0.93 -9.13 4.36
CA ALA C 65 0.17 -10.37 4.44
C ALA C 65 -1.25 -10.13 3.99
N MET C 66 -1.87 -11.18 3.45
CA MET C 66 -3.27 -11.18 3.08
C MET C 66 -3.83 -12.57 3.29
N HIS C 67 -5.16 -12.65 3.40
CA HIS C 67 -5.83 -13.94 3.53
C HIS C 67 -7.28 -13.80 3.10
N TRP C 68 -7.72 -14.70 2.23
CA TRP C 68 -9.10 -14.71 1.76
C TRP C 68 -10.02 -15.33 2.81
N GLY C 69 -11.30 -15.01 2.70
CA GLY C 69 -12.31 -15.67 3.50
C GLY C 69 -12.91 -16.87 2.79
N THR C 70 -13.68 -17.65 3.55
CA THR C 70 -14.31 -18.84 2.98
C THR C 70 -15.45 -18.51 2.03
N ASP C 71 -16.03 -17.31 2.14
CA ASP C 71 -17.11 -16.89 1.26
C ASP C 71 -16.61 -16.27 -0.03
N SER C 72 -15.29 -16.16 -0.20
CA SER C 72 -14.64 -15.63 -1.41
C SER C 72 -14.98 -14.17 -1.68
N ARG C 73 -15.47 -13.45 -0.68
CA ARG C 73 -15.72 -12.02 -0.79
C ARG C 73 -14.87 -11.21 0.17
N LEU C 74 -14.89 -11.54 1.45
CA LEU C 74 -14.18 -10.76 2.45
C LEU C 74 -12.68 -11.08 2.41
N LEU C 75 -11.87 -10.04 2.57
CA LEU C 75 -10.42 -10.16 2.45
C LEU C 75 -9.78 -9.32 3.55
N VAL C 76 -8.80 -9.90 4.23
CA VAL C 76 -8.06 -9.21 5.29
C VAL C 76 -6.63 -8.97 4.81
N SER C 77 -6.12 -7.77 5.07
CA SER C 77 -4.78 -7.40 4.69
C SER C 77 -4.08 -6.73 5.86
N ALA C 78 -2.75 -6.90 5.91
CA ALA C 78 -1.92 -6.29 6.94
C ALA C 78 -0.84 -5.45 6.30
N SER C 79 -0.52 -4.33 6.93
CA SER C 79 0.49 -3.41 6.41
C SER C 79 1.23 -2.76 7.57
N GLN C 80 2.38 -2.17 7.24
CA GLN C 80 3.29 -1.62 8.25
C GLN C 80 2.76 -0.37 8.93
N ASP C 81 1.67 0.23 8.44
CA ASP C 81 1.10 1.38 9.12
C ASP C 81 0.41 1.00 10.43
N GLY C 82 0.24 -0.29 10.71
CA GLY C 82 -0.32 -0.73 11.97
C GLY C 82 -1.81 -0.93 11.97
N LYS C 83 -2.42 -1.28 10.85
CA LYS C 83 -3.86 -1.44 10.77
C LYS C 83 -4.21 -2.61 9.86
N LEU C 84 -5.17 -3.42 10.31
CA LEU C 84 -5.81 -4.43 9.48
C LEU C 84 -7.04 -3.85 8.83
N ILE C 85 -7.25 -4.18 7.56
CA ILE C 85 -8.43 -3.73 6.82
C ILE C 85 -9.14 -4.94 6.25
N ILE C 86 -10.45 -5.03 6.50
CA ILE C 86 -11.29 -6.08 5.95
C ILE C 86 -12.04 -5.48 4.76
N TRP C 87 -11.89 -6.09 3.59
CA TRP C 87 -12.40 -5.54 2.34
C TRP C 87 -13.58 -6.35 1.83
N ASP C 88 -14.54 -5.66 1.23
CA ASP C 88 -15.56 -6.29 0.40
C ASP C 88 -15.04 -6.23 -1.03
N SER C 89 -14.47 -7.35 -1.49
CA SER C 89 -13.77 -7.36 -2.77
C SER C 89 -14.69 -7.09 -3.95
N TYR C 90 -15.98 -7.42 -3.82
CA TYR C 90 -16.91 -7.17 -4.91
C TYR C 90 -17.15 -5.68 -5.10
N THR C 91 -17.22 -4.91 -4.01
CA THR C 91 -17.53 -3.50 -4.08
C THR C 91 -16.39 -2.60 -3.62
N THR C 92 -15.23 -3.17 -3.26
CA THR C 92 -14.02 -2.44 -2.91
C THR C 92 -14.21 -1.64 -1.62
N ASN C 93 -15.32 -1.89 -0.92
CA ASN C 93 -15.57 -1.21 0.34
C ASN C 93 -14.73 -1.79 1.47
N LYS C 94 -14.49 -0.96 2.48
CA LYS C 94 -13.77 -1.38 3.68
C LYS C 94 -14.78 -1.71 4.77
N VAL C 95 -14.91 -2.99 5.11
CA VAL C 95 -15.84 -3.39 6.15
C VAL C 95 -15.37 -2.93 7.52
N HIS C 96 -14.09 -3.12 7.82
CA HIS C 96 -13.54 -2.78 9.12
C HIS C 96 -12.11 -2.26 8.97
N ALA C 97 -11.66 -1.53 9.99
CA ALA C 97 -10.28 -1.06 10.09
C ALA C 97 -9.84 -1.24 11.52
N ILE C 98 -8.96 -2.21 11.77
CA ILE C 98 -8.61 -2.63 13.13
C ILE C 98 -7.23 -2.06 13.45
N PRO C 99 -7.12 -1.15 14.42
CA PRO C 99 -5.79 -0.71 14.86
C PRO C 99 -5.04 -1.82 15.56
N LEU C 100 -3.72 -1.77 15.46
CA LEU C 100 -2.83 -2.75 16.07
C LEU C 100 -1.88 -2.06 17.05
N ARG C 101 -1.66 -2.71 18.20
CA ARG C 101 -0.74 -2.17 19.19
C ARG C 101 0.69 -2.12 18.68
N SER C 102 1.10 -3.09 17.85
CA SER C 102 2.43 -3.12 17.28
C SER C 102 2.32 -2.88 15.78
N SER C 103 3.08 -1.91 15.27
CA SER C 103 3.05 -1.57 13.86
C SER C 103 3.87 -2.52 13.01
N TRP C 104 4.66 -3.40 13.62
CA TRP C 104 5.48 -4.35 12.88
C TRP C 104 4.77 -5.70 12.79
N VAL C 105 3.79 -5.74 11.90
CA VAL C 105 2.97 -6.94 11.68
C VAL C 105 3.49 -7.65 10.44
N MET C 106 3.63 -8.97 10.54
CA MET C 106 4.15 -9.78 9.44
C MET C 106 3.17 -10.83 8.94
N THR C 107 2.08 -11.09 9.66
CA THR C 107 1.15 -12.13 9.26
C THR C 107 -0.27 -11.72 9.60
N CYS C 108 -1.22 -12.32 8.88
CA CYS C 108 -2.63 -12.15 9.18
C CYS C 108 -3.37 -13.39 8.71
N ALA C 109 -4.39 -13.79 9.46
CA ALA C 109 -5.18 -14.97 9.15
C ALA C 109 -6.66 -14.65 9.26
N TYR C 110 -7.47 -15.37 8.49
CA TYR C 110 -8.92 -15.22 8.51
C TYR C 110 -9.52 -16.55 8.93
N ALA C 111 -10.39 -16.52 9.93
CA ALA C 111 -10.98 -17.75 10.44
C ALA C 111 -11.92 -18.35 9.40
N PRO C 112 -11.96 -19.68 9.29
CA PRO C 112 -12.89 -20.30 8.33
C PRO C 112 -14.35 -20.01 8.62
N SER C 113 -14.71 -19.76 9.88
CA SER C 113 -16.07 -19.38 10.23
C SER C 113 -16.35 -17.90 9.98
N GLY C 114 -15.30 -17.10 9.76
CA GLY C 114 -15.48 -15.69 9.50
C GLY C 114 -15.70 -14.84 10.74
N ASN C 115 -15.55 -15.40 11.93
CA ASN C 115 -15.83 -14.67 13.16
C ASN C 115 -14.62 -13.93 13.72
N TYR C 116 -13.41 -14.45 13.49
CA TYR C 116 -12.21 -13.87 14.06
C TYR C 116 -11.15 -13.65 12.99
N VAL C 117 -10.22 -12.75 13.30
CA VAL C 117 -8.99 -12.56 12.54
C VAL C 117 -7.82 -12.56 13.52
N ALA C 118 -6.66 -12.94 13.03
CA ALA C 118 -5.45 -13.00 13.85
C ALA C 118 -4.32 -12.27 13.13
N CYS C 119 -3.39 -11.74 13.92
CA CYS C 119 -2.25 -11.03 13.37
C CYS C 119 -1.08 -11.15 14.35
N GLY C 120 0.12 -10.86 13.85
CA GLY C 120 1.30 -10.94 14.68
C GLY C 120 2.52 -10.46 13.91
N GLY C 121 3.63 -10.40 14.63
CA GLY C 121 4.86 -9.90 14.04
C GLY C 121 6.03 -9.82 15.02
N LEU C 122 6.71 -8.67 15.02
CA LEU C 122 7.91 -8.49 15.83
C LEU C 122 7.62 -8.40 17.33
N ASP C 123 6.36 -8.30 17.73
CA ASP C 123 6.00 -8.21 19.14
C ASP C 123 5.89 -9.58 19.82
N ASN C 124 6.12 -10.67 19.07
CA ASN C 124 6.17 -12.04 19.58
C ASN C 124 4.81 -12.51 20.10
N ILE C 125 3.72 -11.81 19.75
CA ILE C 125 2.40 -12.07 20.30
C ILE C 125 1.42 -12.27 19.15
N CYS C 126 0.61 -13.33 19.25
CA CYS C 126 -0.47 -13.59 18.30
C CYS C 126 -1.76 -13.00 18.88
N SER C 127 -2.23 -11.91 18.29
CA SER C 127 -3.42 -11.22 18.76
C SER C 127 -4.63 -11.67 17.94
N ILE C 128 -5.69 -12.07 18.63
CA ILE C 128 -6.92 -12.54 18.01
C ILE C 128 -8.01 -11.52 18.24
N TYR C 129 -8.69 -11.11 17.19
CA TYR C 129 -9.69 -10.05 17.23
C TYR C 129 -11.07 -10.63 16.96
N ASN C 130 -12.04 -10.20 17.78
CA ASN C 130 -13.44 -10.62 17.60
C ASN C 130 -14.14 -9.61 16.71
N LEU C 131 -14.72 -10.09 15.60
CA LEU C 131 -15.33 -9.23 14.62
C LEU C 131 -16.84 -9.07 14.80
N LYS C 132 -17.49 -10.02 15.46
CA LYS C 132 -18.94 -10.02 15.63
C LYS C 132 -19.25 -9.84 17.11
N THR C 133 -19.38 -8.59 17.54
CA THR C 133 -19.63 -8.24 18.92
C THR C 133 -20.86 -7.37 19.02
N ARG C 134 -21.53 -7.45 20.18
CA ARG C 134 -22.75 -6.67 20.40
C ARG C 134 -22.46 -5.18 20.51
N GLU C 135 -21.24 -4.79 20.87
CA GLU C 135 -20.88 -3.39 21.01
C GLU C 135 -20.66 -2.70 19.67
N GLY C 136 -20.52 -3.45 18.58
CA GLY C 136 -20.35 -2.87 17.27
C GLY C 136 -18.94 -2.56 16.86
N ASN C 137 -17.95 -2.86 17.69
CA ASN C 137 -16.55 -2.63 17.36
C ASN C 137 -15.78 -3.94 17.40
N VAL C 138 -14.54 -3.87 16.91
CA VAL C 138 -13.63 -5.02 16.90
C VAL C 138 -12.74 -4.94 18.13
N ARG C 139 -12.69 -6.02 18.89
CA ARG C 139 -11.99 -6.04 20.17
C ARG C 139 -11.08 -7.27 20.22
N VAL C 140 -9.96 -7.11 20.92
CA VAL C 140 -9.02 -8.21 21.11
C VAL C 140 -9.67 -9.26 22.01
N SER C 141 -9.69 -10.51 21.55
CA SER C 141 -10.19 -11.59 22.39
C SER C 141 -9.16 -11.96 23.44
N ARG C 142 -7.98 -12.40 23.01
CA ARG C 142 -6.85 -12.57 23.91
C ARG C 142 -5.56 -12.41 23.10
N GLU C 143 -4.47 -12.22 23.83
CA GLU C 143 -3.14 -12.11 23.25
C GLU C 143 -2.36 -13.37 23.60
N LEU C 144 -1.99 -14.15 22.58
CA LEU C 144 -1.24 -15.37 22.79
C LEU C 144 0.24 -15.06 22.95
N ALA C 145 0.83 -15.55 24.03
CA ALA C 145 2.24 -15.29 24.33
C ALA C 145 2.93 -16.60 24.66
N GLY C 146 4.24 -16.63 24.43
CA GLY C 146 5.03 -17.81 24.71
C GLY C 146 6.15 -18.04 23.71
N HIS C 147 6.03 -17.45 22.53
CA HIS C 147 7.08 -17.55 21.53
C HIS C 147 8.24 -16.63 21.89
N THR C 148 9.45 -17.07 21.54
CA THR C 148 10.67 -16.32 21.82
C THR C 148 11.25 -15.67 20.56
N GLY C 149 10.52 -15.70 19.45
CA GLY C 149 10.98 -15.08 18.22
C GLY C 149 9.83 -14.43 17.49
N TYR C 150 10.17 -13.67 16.45
CA TYR C 150 9.17 -12.93 15.71
C TYR C 150 8.16 -13.87 15.08
N LEU C 151 6.88 -13.51 15.20
CA LEU C 151 5.80 -14.41 14.80
C LEU C 151 5.68 -14.41 13.28
N SER C 152 5.90 -15.57 12.68
CA SER C 152 5.71 -15.78 11.25
C SER C 152 4.25 -16.15 11.00
N CYS C 153 3.95 -16.72 9.83
CA CYS C 153 2.59 -17.02 9.41
C CYS C 153 1.83 -17.84 10.46
N CYS C 154 0.53 -17.59 10.54
CA CYS C 154 -0.38 -18.31 11.43
C CYS C 154 -1.64 -18.67 10.68
N ARG C 155 -2.23 -19.82 11.03
CA ARG C 155 -3.40 -20.32 10.34
C ARG C 155 -4.37 -20.93 11.33
N PHE C 156 -5.66 -20.67 11.14
CA PHE C 156 -6.70 -21.23 11.99
C PHE C 156 -7.00 -22.67 11.60
N LEU C 157 -7.21 -23.50 12.61
CA LEU C 157 -7.80 -24.83 12.40
C LEU C 157 -9.31 -24.77 12.50
N ASP C 158 -9.82 -24.15 13.55
CA ASP C 158 -11.23 -23.87 13.73
C ASP C 158 -11.33 -22.58 14.54
N ASP C 159 -12.50 -22.35 15.15
CA ASP C 159 -12.68 -21.16 15.99
C ASP C 159 -11.83 -21.19 17.26
N ASN C 160 -11.29 -22.35 17.64
CA ASN C 160 -10.61 -22.49 18.92
C ASN C 160 -9.13 -22.87 18.84
N GLN C 161 -8.67 -23.48 17.75
CA GLN C 161 -7.28 -23.87 17.62
C GLN C 161 -6.62 -23.09 16.50
N ILE C 162 -5.37 -22.70 16.73
CA ILE C 162 -4.57 -21.96 15.76
C ILE C 162 -3.14 -22.52 15.79
N VAL C 163 -2.51 -22.55 14.63
CA VAL C 163 -1.14 -23.02 14.48
C VAL C 163 -0.27 -21.85 14.06
N THR C 164 0.79 -21.58 14.81
CA THR C 164 1.65 -20.43 14.59
C THR C 164 3.09 -20.87 14.38
N SER C 165 3.83 -20.06 13.61
CA SER C 165 5.25 -20.24 13.40
C SER C 165 5.99 -18.99 13.87
N SER C 166 7.16 -19.20 14.47
CA SER C 166 7.88 -18.11 15.12
C SER C 166 9.27 -17.96 14.51
N GLY C 167 9.97 -16.91 14.95
CA GLY C 167 11.34 -16.69 14.55
C GLY C 167 12.32 -17.64 15.18
N ASP C 168 11.89 -18.41 16.19
CA ASP C 168 12.68 -19.52 16.69
C ASP C 168 12.48 -20.72 15.77
N THR C 169 12.91 -21.90 16.20
CA THR C 169 12.81 -23.10 15.38
C THR C 169 11.65 -23.99 15.80
N THR C 170 10.56 -23.40 16.31
CA THR C 170 9.43 -24.18 16.82
C THR C 170 8.13 -23.66 16.25
N CYS C 171 7.16 -24.56 16.13
CA CYS C 171 5.77 -24.24 15.85
C CYS C 171 4.92 -24.67 17.04
N ALA C 172 3.73 -24.06 17.15
CA ALA C 172 2.90 -24.29 18.32
C ALA C 172 1.44 -24.44 17.91
N LEU C 173 0.70 -25.21 18.71
CA LEU C 173 -0.75 -25.32 18.60
C LEU C 173 -1.37 -24.71 19.86
N TRP C 174 -2.33 -23.81 19.66
CA TRP C 174 -2.88 -23.01 20.74
C TRP C 174 -4.35 -23.34 20.97
N ASP C 175 -4.79 -23.20 22.21
CA ASP C 175 -6.20 -23.32 22.57
C ASP C 175 -6.67 -21.90 22.92
N ILE C 176 -7.53 -21.33 22.06
CA ILE C 176 -7.92 -19.93 22.22
C ILE C 176 -8.77 -19.75 23.46
N GLU C 177 -9.60 -20.75 23.82
CA GLU C 177 -10.43 -20.61 25.01
C GLU C 177 -9.62 -20.44 26.28
N THR C 178 -8.47 -21.13 26.39
CA THR C 178 -7.64 -21.04 27.57
C THR C 178 -6.34 -20.30 27.34
N GLY C 179 -5.97 -20.02 26.09
CA GLY C 179 -4.76 -19.27 25.82
C GLY C 179 -3.47 -19.99 26.19
N GLN C 180 -3.40 -21.29 25.97
CA GLN C 180 -2.24 -22.09 26.33
C GLN C 180 -1.73 -22.86 25.12
N GLN C 181 -0.46 -23.21 25.16
CA GLN C 181 0.21 -23.94 24.08
C GLN C 181 0.04 -25.43 24.33
N THR C 182 -0.87 -26.06 23.57
CA THR C 182 -1.15 -27.47 23.77
C THR C 182 -0.01 -28.36 23.28
N THR C 183 0.52 -28.07 22.09
CA THR C 183 1.57 -28.88 21.49
C THR C 183 2.64 -27.97 20.90
N THR C 184 3.90 -28.39 21.06
CA THR C 184 5.04 -27.68 20.49
C THR C 184 5.73 -28.58 19.47
N PHE C 185 5.98 -28.05 18.29
CA PHE C 185 6.59 -28.80 17.19
C PHE C 185 8.04 -28.36 17.06
N THR C 186 8.96 -29.23 17.45
CA THR C 186 10.38 -28.95 17.41
C THR C 186 11.06 -29.87 16.39
N GLY C 187 12.23 -29.44 15.93
CA GLY C 187 12.97 -30.22 14.96
C GLY C 187 13.68 -29.38 13.92
N HIS C 188 13.20 -28.18 13.68
CA HIS C 188 13.85 -27.28 12.74
C HIS C 188 15.16 -26.76 13.32
N THR C 189 16.06 -26.34 12.42
CA THR C 189 17.33 -25.74 12.81
C THR C 189 17.46 -24.33 12.27
N GLY C 190 16.34 -23.69 11.94
CA GLY C 190 16.36 -22.34 11.40
C GLY C 190 15.03 -21.67 11.66
N ASP C 191 14.92 -20.44 11.16
CA ASP C 191 13.72 -19.66 11.38
C ASP C 191 12.59 -20.15 10.48
N VAL C 192 11.47 -20.55 11.10
CA VAL C 192 10.33 -21.05 10.35
C VAL C 192 9.59 -19.88 9.73
N MET C 193 9.40 -19.92 8.41
CA MET C 193 8.89 -18.77 7.67
C MET C 193 7.46 -18.93 7.18
N SER C 194 7.06 -20.12 6.73
CA SER C 194 5.76 -20.29 6.12
C SER C 194 5.05 -21.52 6.70
N LEU C 195 3.73 -21.50 6.60
CA LEU C 195 2.87 -22.59 7.03
C LEU C 195 1.85 -22.89 5.94
N SER C 196 1.37 -24.12 5.94
CA SER C 196 0.31 -24.52 5.03
C SER C 196 -0.45 -25.68 5.67
N LEU C 197 -1.78 -25.56 5.70
CA LEU C 197 -2.63 -26.55 6.33
C LEU C 197 -3.24 -27.48 5.28
N ALA C 198 -3.30 -28.76 5.61
CA ALA C 198 -3.94 -29.73 4.73
C ALA C 198 -5.45 -29.49 4.71
N PRO C 199 -6.12 -29.85 3.62
CA PRO C 199 -7.58 -29.63 3.55
C PRO C 199 -8.37 -30.34 4.64
N ASP C 200 -7.91 -31.50 5.10
CA ASP C 200 -8.59 -32.20 6.19
C ASP C 200 -8.16 -31.73 7.57
N THR C 201 -7.22 -30.78 7.65
CA THR C 201 -6.72 -30.21 8.90
C THR C 201 -6.14 -31.27 9.83
N ARG C 202 -5.59 -32.35 9.26
CA ARG C 202 -4.93 -33.37 10.04
C ARG C 202 -3.40 -33.26 9.97
N LEU C 203 -2.87 -32.64 8.93
CA LEU C 203 -1.44 -32.46 8.75
C LEU C 203 -1.16 -31.02 8.37
N PHE C 204 0.10 -30.62 8.52
CA PHE C 204 0.54 -29.33 8.03
C PHE C 204 2.04 -29.38 7.76
N VAL C 205 2.50 -28.50 6.89
CA VAL C 205 3.90 -28.42 6.50
C VAL C 205 4.46 -27.06 6.88
N SER C 206 5.74 -27.03 7.22
CA SER C 206 6.43 -25.82 7.63
C SER C 206 7.73 -25.69 6.87
N GLY C 207 7.97 -24.51 6.31
CA GLY C 207 9.21 -24.19 5.62
C GLY C 207 10.06 -23.26 6.46
N ALA C 208 11.35 -23.56 6.56
CA ALA C 208 12.23 -22.78 7.41
C ALA C 208 13.48 -22.31 6.67
N CYS C 209 14.42 -21.72 7.40
CA CYS C 209 15.65 -21.20 6.82
C CYS C 209 16.78 -22.22 6.78
N ASP C 210 16.50 -23.47 7.16
CA ASP C 210 17.47 -24.55 7.02
C ASP C 210 17.41 -25.23 5.67
N ALA C 211 16.72 -24.60 4.69
CA ALA C 211 16.52 -25.16 3.35
C ALA C 211 15.86 -26.54 3.41
N SER C 212 14.91 -26.69 4.32
CA SER C 212 14.20 -27.95 4.48
C SER C 212 12.75 -27.67 4.85
N ALA C 213 11.89 -28.64 4.55
CA ALA C 213 10.49 -28.61 4.91
C ALA C 213 10.12 -29.89 5.61
N LYS C 214 9.22 -29.78 6.59
CA LYS C 214 8.85 -30.92 7.43
C LYS C 214 7.33 -31.07 7.45
N LEU C 215 6.88 -32.31 7.59
CA LEU C 215 5.47 -32.65 7.68
C LEU C 215 5.16 -33.08 9.11
N TRP C 216 4.20 -32.39 9.73
CA TRP C 216 3.80 -32.67 11.09
C TRP C 216 2.34 -33.11 11.13
N ASP C 217 2.02 -33.95 12.11
CA ASP C 217 0.63 -34.26 12.42
C ASP C 217 0.19 -33.52 13.69
N VAL C 218 -1.05 -33.04 13.67
CA VAL C 218 -1.51 -32.11 14.71
C VAL C 218 -1.75 -32.84 16.01
N ARG C 219 -2.43 -33.99 15.96
CA ARG C 219 -2.90 -34.64 17.17
C ARG C 219 -1.79 -35.35 17.93
N GLU C 220 -0.71 -35.74 17.26
CA GLU C 220 0.40 -36.41 17.93
C GLU C 220 1.60 -35.52 18.15
N GLY C 221 1.77 -34.48 17.35
CA GLY C 221 2.90 -33.59 17.51
C GLY C 221 4.24 -34.17 17.08
N MET C 222 4.23 -35.15 16.19
CA MET C 222 5.45 -35.83 15.76
C MET C 222 5.73 -35.52 14.29
N CYS C 223 6.97 -35.19 13.99
CA CYS C 223 7.40 -34.98 12.61
C CYS C 223 7.36 -36.31 11.86
N ARG C 224 6.86 -36.27 10.62
CA ARG C 224 6.68 -37.48 9.82
C ARG C 224 7.65 -37.56 8.65
N GLN C 225 7.76 -36.50 7.87
CA GLN C 225 8.60 -36.51 6.68
C GLN C 225 9.41 -35.22 6.61
N THR C 226 10.62 -35.33 6.04
CA THR C 226 11.52 -34.20 5.87
C THR C 226 11.92 -34.13 4.41
N PHE C 227 11.86 -32.93 3.83
CA PHE C 227 12.08 -32.72 2.42
C PHE C 227 13.21 -31.72 2.21
N THR C 228 14.18 -32.08 1.38
CA THR C 228 15.32 -31.24 1.07
C THR C 228 15.42 -31.05 -0.44
N GLY C 229 16.33 -30.18 -0.85
CA GLY C 229 16.54 -29.93 -2.27
C GLY C 229 16.78 -28.47 -2.58
N HIS C 230 16.27 -27.58 -1.74
CA HIS C 230 16.48 -26.16 -1.92
C HIS C 230 17.87 -25.75 -1.45
N GLU C 231 18.43 -24.76 -2.13
CA GLU C 231 19.78 -24.29 -1.82
C GLU C 231 19.79 -23.05 -0.93
N SER C 232 18.64 -22.52 -0.57
CA SER C 232 18.59 -21.29 0.23
C SER C 232 17.32 -21.32 1.08
N ASP C 233 16.94 -20.16 1.62
CA ASP C 233 15.86 -20.09 2.59
C ASP C 233 14.51 -20.26 1.92
N ILE C 234 13.67 -21.11 2.51
CA ILE C 234 12.31 -21.32 1.99
C ILE C 234 11.39 -20.25 2.56
N ASN C 235 10.68 -19.55 1.68
CA ASN C 235 9.83 -18.44 2.08
C ASN C 235 8.34 -18.72 1.98
N ALA C 236 7.92 -19.66 1.15
CA ALA C 236 6.50 -19.95 0.97
C ALA C 236 6.29 -21.44 0.81
N ILE C 237 5.09 -21.89 1.16
CA ILE C 237 4.72 -23.29 1.04
C ILE C 237 3.20 -23.36 0.89
N CYS C 238 2.73 -24.36 0.13
CA CYS C 238 1.32 -24.45 -0.18
C CYS C 238 0.97 -25.89 -0.58
N PHE C 239 -0.09 -26.42 0.01
CA PHE C 239 -0.54 -27.77 -0.32
C PHE C 239 -1.19 -27.83 -1.70
N PHE C 240 -1.13 -29.02 -2.30
CA PHE C 240 -1.95 -29.32 -3.45
C PHE C 240 -3.41 -29.43 -3.03
N PRO C 241 -4.36 -29.16 -3.94
CA PRO C 241 -5.78 -29.31 -3.58
C PRO C 241 -6.15 -30.71 -3.12
N ASN C 242 -5.51 -31.76 -3.65
CA ASN C 242 -5.82 -33.11 -3.22
C ASN C 242 -5.17 -33.50 -1.89
N GLY C 243 -4.22 -32.71 -1.39
CA GLY C 243 -3.61 -32.97 -0.11
C GLY C 243 -2.53 -34.01 -0.11
N ASN C 244 -2.03 -34.42 -1.28
CA ASN C 244 -0.97 -35.41 -1.38
C ASN C 244 0.35 -34.82 -1.86
N ALA C 245 0.39 -33.53 -2.18
CA ALA C 245 1.60 -32.89 -2.65
C ALA C 245 1.62 -31.45 -2.16
N PHE C 246 2.79 -30.83 -2.22
CA PHE C 246 2.91 -29.42 -1.86
C PHE C 246 4.06 -28.81 -2.64
N ALA C 247 4.01 -27.49 -2.77
CA ALA C 247 5.01 -26.73 -3.51
C ALA C 247 5.66 -25.69 -2.60
N THR C 248 6.96 -25.52 -2.75
CA THR C 248 7.75 -24.60 -1.93
C THR C 248 8.46 -23.59 -2.81
N GLY C 249 8.47 -22.34 -2.38
CA GLY C 249 9.24 -21.29 -3.03
C GLY C 249 10.35 -20.83 -2.10
N SER C 250 11.52 -20.53 -2.69
CA SER C 250 12.69 -20.20 -1.90
C SER C 250 13.38 -18.99 -2.52
N ASP C 251 14.57 -18.68 -2.02
CA ASP C 251 15.33 -17.51 -2.45
C ASP C 251 16.33 -17.83 -3.56
N ASP C 252 16.39 -19.07 -4.03
CA ASP C 252 17.28 -19.46 -5.11
C ASP C 252 16.63 -19.39 -6.47
N ALA C 253 15.54 -18.62 -6.60
CA ALA C 253 14.80 -18.46 -7.86
C ALA C 253 14.32 -19.81 -8.40
N THR C 254 13.74 -20.61 -7.51
CA THR C 254 13.35 -21.97 -7.87
C THR C 254 12.15 -22.40 -7.05
N CYS C 255 11.09 -22.85 -7.74
CA CYS C 255 9.96 -23.52 -7.11
C CYS C 255 10.12 -25.03 -7.28
N ARG C 256 9.78 -25.78 -6.24
CA ARG C 256 9.94 -27.22 -6.24
C ARG C 256 8.64 -27.87 -5.78
N LEU C 257 8.24 -28.93 -6.48
CA LEU C 257 7.05 -29.70 -6.15
C LEU C 257 7.46 -30.99 -5.44
N PHE C 258 6.93 -31.19 -4.25
CA PHE C 258 7.27 -32.35 -3.43
C PHE C 258 6.06 -33.28 -3.31
N ASP C 259 6.34 -34.51 -2.94
CA ASP C 259 5.33 -35.55 -2.82
C ASP C 259 5.34 -36.14 -1.42
N LEU C 260 4.14 -36.41 -0.88
CA LEU C 260 4.04 -36.99 0.45
C LEU C 260 4.13 -38.52 0.40
N ARG C 261 3.45 -39.14 -0.56
CA ARG C 261 3.38 -40.60 -0.60
C ARG C 261 4.70 -41.20 -1.08
N ALA C 262 5.33 -40.60 -2.09
CA ALA C 262 6.62 -41.08 -2.55
C ALA C 262 7.78 -40.49 -1.75
N ASP C 263 7.55 -39.40 -1.02
CA ASP C 263 8.58 -38.74 -0.22
C ASP C 263 9.79 -38.38 -1.08
N GLN C 264 9.54 -37.64 -2.16
CA GLN C 264 10.57 -37.32 -3.14
C GLN C 264 10.30 -35.95 -3.74
N GLU C 265 11.35 -35.36 -4.30
CA GLU C 265 11.18 -34.19 -5.15
C GLU C 265 10.60 -34.63 -6.48
N LEU C 266 9.55 -33.95 -6.93
CA LEU C 266 8.79 -34.38 -8.09
C LEU C 266 8.99 -33.52 -9.32
N MET C 267 9.07 -32.19 -9.16
CA MET C 267 9.26 -31.30 -10.28
C MET C 267 9.92 -30.01 -9.79
N THR C 268 10.77 -29.44 -10.63
CA THR C 268 11.49 -28.20 -10.32
C THR C 268 11.11 -27.14 -11.34
N TYR C 269 10.66 -25.99 -10.85
CA TYR C 269 10.22 -24.88 -11.68
C TYR C 269 11.25 -23.77 -11.60
N SER C 270 11.96 -23.53 -12.70
CA SER C 270 12.99 -22.50 -12.73
C SER C 270 13.17 -22.02 -14.15
N HIS C 271 13.67 -20.79 -14.28
CA HIS C 271 13.97 -20.16 -15.56
C HIS C 271 15.34 -19.50 -15.48
N ASP C 272 16.03 -19.44 -16.62
CA ASP C 272 17.33 -18.81 -16.65
C ASP C 272 17.24 -17.30 -16.49
N ASN C 273 16.09 -16.71 -16.84
CA ASN C 273 15.89 -15.28 -16.75
C ASN C 273 15.41 -14.83 -15.38
N ILE C 274 15.23 -15.75 -14.44
CA ILE C 274 14.78 -15.42 -13.09
C ILE C 274 15.94 -15.66 -12.14
N ILE C 275 16.36 -14.61 -11.44
CA ILE C 275 17.50 -14.69 -10.52
C ILE C 275 17.08 -14.17 -9.15
N CYS C 276 15.80 -13.86 -8.98
CA CYS C 276 15.28 -13.27 -7.76
C CYS C 276 14.53 -14.32 -6.94
N GLY C 277 14.43 -14.07 -5.64
CA GLY C 277 13.77 -14.99 -4.74
C GLY C 277 12.26 -14.98 -4.93
N ILE C 278 11.61 -15.91 -4.22
CA ILE C 278 10.18 -16.14 -4.32
C ILE C 278 9.55 -15.82 -2.97
N THR C 279 8.51 -14.99 -2.99
CA THR C 279 7.87 -14.53 -1.77
C THR C 279 6.61 -15.30 -1.40
N SER C 280 5.75 -15.63 -2.38
CA SER C 280 4.51 -16.33 -2.11
C SER C 280 4.27 -17.38 -3.18
N VAL C 281 3.64 -18.48 -2.79
CA VAL C 281 3.33 -19.59 -3.67
C VAL C 281 1.89 -20.01 -3.44
N SER C 282 1.13 -20.19 -4.53
CA SER C 282 -0.25 -20.62 -4.42
C SER C 282 -0.62 -21.48 -5.62
N PHE C 283 -1.66 -22.28 -5.45
CA PHE C 283 -2.18 -23.17 -6.49
C PHE C 283 -3.53 -22.66 -6.99
N SER C 284 -4.00 -23.27 -8.06
CA SER C 284 -5.34 -23.04 -8.57
C SER C 284 -6.31 -24.00 -7.89
N LYS C 285 -7.58 -23.98 -8.30
CA LYS C 285 -8.55 -24.87 -7.68
C LYS C 285 -8.28 -26.32 -8.03
N SER C 286 -7.89 -26.60 -9.28
CA SER C 286 -7.61 -27.96 -9.72
C SER C 286 -6.15 -28.35 -9.57
N GLY C 287 -5.27 -27.42 -9.19
CA GLY C 287 -3.86 -27.72 -9.09
C GLY C 287 -3.10 -27.69 -10.40
N ARG C 288 -3.74 -27.25 -11.48
CA ARG C 288 -3.07 -27.21 -12.77
C ARG C 288 -2.10 -26.04 -12.88
N LEU C 289 -2.43 -24.91 -12.29
CA LEU C 289 -1.61 -23.70 -12.37
C LEU C 289 -0.96 -23.44 -11.01
N LEU C 290 0.34 -23.18 -11.03
CA LEU C 290 1.08 -22.78 -9.84
C LEU C 290 1.47 -21.31 -9.99
N LEU C 291 1.04 -20.50 -9.03
CA LEU C 291 1.29 -19.06 -9.06
C LEU C 291 2.32 -18.70 -8.00
N ALA C 292 3.34 -17.96 -8.40
CA ALA C 292 4.46 -17.64 -7.53
C ALA C 292 4.74 -16.14 -7.60
N GLY C 293 4.81 -15.49 -6.44
CA GLY C 293 5.24 -14.11 -6.38
C GLY C 293 6.77 -14.03 -6.36
N TYR C 294 7.29 -12.99 -6.98
CA TYR C 294 8.73 -12.86 -7.19
C TYR C 294 9.22 -11.51 -6.69
N ASP C 295 10.54 -11.40 -6.56
CA ASP C 295 11.16 -10.16 -6.11
C ASP C 295 11.32 -9.14 -7.24
N ASP C 296 11.13 -9.54 -8.50
CA ASP C 296 11.23 -8.64 -9.63
C ASP C 296 9.92 -7.95 -9.95
N PHE C 297 9.05 -7.78 -8.94
CA PHE C 297 7.80 -7.02 -8.99
C PHE C 297 6.72 -7.75 -9.79
N ASN C 298 6.93 -9.00 -10.17
CA ASN C 298 6.03 -9.72 -11.06
C ASN C 298 5.59 -11.04 -10.42
N CYS C 299 4.48 -11.56 -10.92
CA CYS C 299 3.96 -12.86 -10.53
C CYS C 299 3.86 -13.73 -11.78
N ASN C 300 4.31 -14.98 -11.66
CA ASN C 300 4.37 -15.90 -12.78
C ASN C 300 3.42 -17.06 -12.56
N VAL C 301 2.83 -17.55 -13.64
CA VAL C 301 1.94 -18.71 -13.63
C VAL C 301 2.68 -19.87 -14.26
N TRP C 302 2.85 -20.95 -13.51
CA TRP C 302 3.56 -22.13 -13.96
C TRP C 302 2.59 -23.29 -14.14
N ASP C 303 2.70 -23.98 -15.27
CA ASP C 303 2.02 -25.26 -15.44
C ASP C 303 2.62 -26.26 -14.45
N ALA C 304 1.79 -26.78 -13.55
CA ALA C 304 2.28 -27.66 -12.49
C ALA C 304 2.82 -28.96 -13.07
N LEU C 305 2.15 -29.52 -14.07
CA LEU C 305 2.58 -30.80 -14.62
C LEU C 305 3.77 -30.65 -15.57
N LYS C 306 3.66 -29.76 -16.56
CA LYS C 306 4.67 -29.66 -17.61
C LYS C 306 5.85 -28.77 -17.22
N ALA C 307 5.75 -28.01 -16.14
CA ALA C 307 6.81 -27.09 -15.68
C ALA C 307 7.17 -26.06 -16.75
N ASP C 308 6.15 -25.55 -17.45
CA ASP C 308 6.31 -24.47 -18.39
C ASP C 308 5.59 -23.23 -17.88
N ARG C 309 6.13 -22.06 -18.23
CA ARG C 309 5.49 -20.80 -17.87
C ARG C 309 4.22 -20.60 -18.70
N ALA C 310 3.12 -20.25 -18.03
CA ALA C 310 1.86 -20.05 -18.71
C ALA C 310 1.53 -18.58 -18.90
N GLY C 311 1.91 -17.73 -17.96
CA GLY C 311 1.61 -16.30 -18.07
C GLY C 311 2.37 -15.53 -17.02
N VAL C 312 2.35 -14.20 -17.20
CA VAL C 312 3.05 -13.28 -16.31
C VAL C 312 2.04 -12.23 -15.83
N LEU C 313 2.04 -11.98 -14.52
CA LEU C 313 1.22 -10.95 -13.92
C LEU C 313 2.10 -9.76 -13.56
N ALA C 314 1.81 -8.61 -14.17
CA ALA C 314 2.61 -7.40 -13.98
C ALA C 314 1.68 -6.23 -13.70
N GLY C 315 2.20 -5.26 -12.96
CA GLY C 315 1.41 -4.11 -12.56
C GLY C 315 1.64 -3.66 -11.13
N HIS C 316 2.59 -4.31 -10.46
CA HIS C 316 2.98 -3.93 -9.10
C HIS C 316 4.32 -3.21 -9.16
N ASP C 317 4.38 -2.05 -8.49
CA ASP C 317 5.57 -1.21 -8.53
C ASP C 317 6.63 -1.57 -7.50
N ASN C 318 6.38 -2.59 -6.68
CA ASN C 318 7.35 -2.99 -5.66
C ASN C 318 7.24 -4.50 -5.45
N ARG C 319 7.84 -4.98 -4.37
CA ARG C 319 7.98 -6.41 -4.11
C ARG C 319 6.61 -7.03 -3.84
N VAL C 320 6.19 -7.95 -4.70
CA VAL C 320 4.95 -8.69 -4.49
C VAL C 320 5.16 -9.60 -3.28
N SER C 321 4.49 -9.28 -2.17
CA SER C 321 4.77 -9.90 -0.90
C SER C 321 3.81 -11.03 -0.54
N CYS C 322 2.70 -11.18 -1.25
CA CYS C 322 1.71 -12.16 -0.84
C CYS C 322 0.81 -12.52 -2.02
N LEU C 323 0.32 -13.76 -2.02
CA LEU C 323 -0.59 -14.27 -3.03
C LEU C 323 -1.79 -14.91 -2.35
N GLY C 324 -2.89 -14.99 -3.08
CA GLY C 324 -4.09 -15.62 -2.56
C GLY C 324 -5.09 -15.99 -3.65
N VAL C 325 -5.65 -17.19 -3.56
CA VAL C 325 -6.64 -17.68 -4.50
C VAL C 325 -7.89 -18.05 -3.72
N THR C 326 -9.04 -17.60 -4.21
CA THR C 326 -10.30 -17.87 -3.54
C THR C 326 -10.62 -19.37 -3.56
N ASP C 327 -11.51 -19.77 -2.64
CA ASP C 327 -11.89 -21.18 -2.54
C ASP C 327 -12.58 -21.68 -3.79
N ASP C 328 -13.45 -20.86 -4.39
CA ASP C 328 -14.08 -21.22 -5.65
C ASP C 328 -13.16 -21.01 -6.85
N GLY C 329 -11.98 -20.42 -6.63
CA GLY C 329 -11.01 -20.27 -7.70
C GLY C 329 -11.35 -19.22 -8.74
N MET C 330 -12.22 -18.27 -8.40
CA MET C 330 -12.62 -17.28 -9.39
C MET C 330 -11.54 -16.24 -9.62
N ALA C 331 -10.87 -15.79 -8.56
CA ALA C 331 -9.97 -14.65 -8.67
C ALA C 331 -8.70 -14.89 -7.84
N VAL C 332 -7.66 -14.13 -8.19
CA VAL C 332 -6.38 -14.15 -7.49
C VAL C 332 -6.08 -12.73 -7.01
N ALA C 333 -5.75 -12.59 -5.74
CA ALA C 333 -5.44 -11.29 -5.15
C ALA C 333 -3.95 -11.23 -4.80
N THR C 334 -3.29 -10.16 -5.26
CA THR C 334 -1.86 -9.96 -5.05
C THR C 334 -1.65 -8.68 -4.28
N GLY C 335 -0.81 -8.74 -3.25
CA GLY C 335 -0.43 -7.55 -2.50
C GLY C 335 1.07 -7.36 -2.52
N SER C 336 1.49 -6.11 -2.56
CA SER C 336 2.90 -5.77 -2.72
C SER C 336 3.26 -4.64 -1.78
N TRP C 337 4.52 -4.19 -1.87
CA TRP C 337 5.06 -3.17 -0.98
C TRP C 337 4.69 -1.75 -1.40
N ASP C 338 4.03 -1.57 -2.54
CA ASP C 338 3.61 -0.26 -2.99
C ASP C 338 2.26 0.16 -2.41
N SER C 339 1.82 -0.48 -1.33
CA SER C 339 0.59 -0.15 -0.62
C SER C 339 -0.65 -0.30 -1.50
N PHE C 340 -0.63 -1.24 -2.44
CA PHE C 340 -1.78 -1.54 -3.27
C PHE C 340 -1.98 -3.06 -3.36
N LEU C 341 -3.24 -3.46 -3.43
CA LEU C 341 -3.60 -4.87 -3.60
C LEU C 341 -4.51 -4.96 -4.81
N LYS C 342 -4.22 -5.89 -5.71
CA LYS C 342 -4.94 -6.04 -6.95
C LYS C 342 -5.56 -7.42 -7.05
N ILE C 343 -6.77 -7.49 -7.59
CA ILE C 343 -7.51 -8.73 -7.78
C ILE C 343 -7.52 -9.06 -9.26
N TRP C 344 -7.09 -10.27 -9.59
CA TRP C 344 -6.89 -10.70 -10.96
C TRP C 344 -7.89 -11.77 -11.33
N ASN C 345 -8.38 -11.73 -12.56
CA ASN C 345 -9.34 -12.71 -13.06
C ASN C 345 -9.36 -12.70 -14.58
N ALA D 6 23.89 -32.16 27.61
CA ALA D 6 24.83 -32.97 26.84
C ALA D 6 24.30 -33.22 25.43
N SER D 7 25.20 -33.29 24.46
CA SER D 7 24.83 -33.54 23.07
C SER D 7 24.42 -34.98 22.82
N ILE D 8 24.61 -35.87 23.79
CA ILE D 8 24.21 -37.27 23.61
C ILE D 8 22.70 -37.37 23.46
N ALA D 9 21.94 -36.57 24.21
CA ALA D 9 20.49 -36.59 24.09
C ALA D 9 20.05 -36.10 22.71
N GLN D 10 20.69 -35.06 22.19
CA GLN D 10 20.36 -34.57 20.85
C GLN D 10 20.70 -35.61 19.79
N ALA D 11 21.85 -36.28 19.93
CA ALA D 11 22.22 -37.33 18.98
C ALA D 11 21.22 -38.49 19.02
N ARG D 12 20.80 -38.89 20.23
CA ARG D 12 19.81 -39.95 20.35
C ARG D 12 18.47 -39.54 19.74
N LYS D 13 18.07 -38.28 19.94
CA LYS D 13 16.83 -37.80 19.36
C LYS D 13 16.89 -37.79 17.83
N LEU D 14 18.04 -37.35 17.27
CA LEU D 14 18.19 -37.36 15.82
C LEU D 14 18.17 -38.78 15.27
N VAL D 15 18.83 -39.71 15.96
CA VAL D 15 18.84 -41.11 15.51
C VAL D 15 17.44 -41.70 15.56
N GLU D 16 16.69 -41.42 16.63
CA GLU D 16 15.32 -41.94 16.73
C GLU D 16 14.42 -41.34 15.66
N GLN D 17 14.57 -40.04 15.39
CA GLN D 17 13.77 -39.40 14.36
C GLN D 17 14.09 -39.97 12.97
N LEU D 18 15.37 -40.21 12.69
CA LEU D 18 15.73 -40.83 11.41
C LEU D 18 15.19 -42.26 11.32
N LYS D 19 15.21 -42.99 12.44
CA LYS D 19 14.68 -44.35 12.44
C LYS D 19 13.18 -44.36 12.17
N MET D 20 12.43 -43.44 12.79
CA MET D 20 10.99 -43.41 12.57
C MET D 20 10.61 -42.79 11.23
N GLU D 21 11.52 -42.03 10.61
CA GLU D 21 11.26 -41.52 9.28
C GLU D 21 11.69 -42.49 8.18
N ALA D 22 12.58 -43.44 8.50
CA ALA D 22 12.99 -44.43 7.51
C ALA D 22 11.90 -45.46 7.22
N ASN D 23 11.12 -45.84 8.24
CA ASN D 23 10.08 -46.86 8.07
C ASN D 23 8.78 -46.19 7.61
N ILE D 24 8.78 -45.80 6.34
CA ILE D 24 7.63 -45.17 5.70
C ILE D 24 7.30 -45.95 4.44
N ASP D 25 6.05 -46.37 4.31
CA ASP D 25 5.59 -47.11 3.13
C ASP D 25 5.51 -46.16 1.95
N ARG D 26 6.51 -46.21 1.09
CA ARG D 26 6.60 -45.31 -0.06
C ARG D 26 6.04 -45.97 -1.30
N ILE D 27 5.43 -45.16 -2.17
CA ILE D 27 4.93 -45.61 -3.45
C ILE D 27 5.82 -45.06 -4.55
N LYS D 28 5.70 -45.66 -5.73
CA LYS D 28 6.54 -45.26 -6.85
C LYS D 28 6.12 -43.89 -7.38
N VAL D 29 7.06 -43.25 -8.08
CA VAL D 29 6.83 -41.90 -8.61
C VAL D 29 5.77 -41.95 -9.71
N SER D 30 5.75 -43.01 -10.51
CA SER D 30 4.79 -43.11 -11.61
C SER D 30 3.36 -43.16 -11.09
N LYS D 31 3.12 -43.88 -10.00
CA LYS D 31 1.78 -43.96 -9.44
C LYS D 31 1.29 -42.60 -8.97
N ALA D 32 2.16 -41.85 -8.29
CA ALA D 32 1.79 -40.51 -7.84
C ALA D 32 1.58 -39.55 -9.00
N ALA D 33 2.39 -39.65 -10.05
CA ALA D 33 2.20 -38.82 -11.23
C ALA D 33 0.86 -39.12 -11.89
N ALA D 34 0.50 -40.42 -11.98
CA ALA D 34 -0.79 -40.79 -12.53
C ALA D 34 -1.92 -40.26 -11.67
N ASP D 35 -1.78 -40.32 -10.35
CA ASP D 35 -2.81 -39.79 -9.45
C ASP D 35 -2.98 -38.29 -9.63
N LEU D 36 -1.87 -37.56 -9.72
CA LEU D 36 -1.96 -36.11 -9.91
C LEU D 36 -2.60 -35.77 -11.26
N MET D 37 -2.22 -36.50 -12.31
CA MET D 37 -2.82 -36.26 -13.63
C MET D 37 -4.32 -36.55 -13.60
N ALA D 38 -4.72 -37.63 -12.92
CA ALA D 38 -6.13 -37.98 -12.83
C ALA D 38 -6.90 -36.91 -12.07
N TYR D 39 -6.33 -36.39 -10.98
CA TYR D 39 -6.99 -35.32 -10.24
C TYR D 39 -7.11 -34.06 -11.06
N CYS D 40 -6.07 -33.71 -11.82
CA CYS D 40 -6.12 -32.51 -12.64
C CYS D 40 -7.11 -32.64 -13.78
N GLU D 41 -7.19 -33.82 -14.39
CA GLU D 41 -8.14 -34.02 -15.49
C GLU D 41 -9.57 -34.11 -15.00
N ALA D 42 -9.79 -34.70 -13.82
CA ALA D 42 -11.13 -34.82 -13.28
C ALA D 42 -11.73 -33.46 -12.92
N HIS D 43 -10.88 -32.50 -12.55
CA HIS D 43 -11.32 -31.17 -12.17
C HIS D 43 -10.88 -30.11 -13.17
N ALA D 44 -10.72 -30.49 -14.43
CA ALA D 44 -10.38 -29.52 -15.47
C ALA D 44 -11.48 -28.48 -15.62
N LYS D 45 -12.73 -28.91 -15.59
CA LYS D 45 -13.84 -27.98 -15.50
C LYS D 45 -13.96 -27.44 -14.08
N GLU D 46 -14.78 -26.41 -13.92
CA GLU D 46 -14.96 -25.70 -12.64
C GLU D 46 -13.65 -25.13 -12.12
N ASP D 47 -12.77 -24.71 -13.04
CA ASP D 47 -11.53 -24.02 -12.72
C ASP D 47 -11.55 -22.70 -13.50
N PRO D 48 -12.02 -21.61 -12.88
CA PRO D 48 -12.11 -20.34 -13.62
C PRO D 48 -10.78 -19.81 -14.12
N LEU D 49 -9.68 -20.07 -13.41
CA LEU D 49 -8.38 -19.60 -13.86
C LEU D 49 -7.92 -20.36 -15.09
N LEU D 50 -8.02 -21.69 -15.07
CA LEU D 50 -7.63 -22.51 -16.22
C LEU D 50 -8.63 -22.41 -17.36
N THR D 51 -9.92 -22.47 -17.06
CA THR D 51 -10.98 -22.30 -18.06
C THR D 51 -11.80 -21.06 -17.70
N PRO D 52 -11.61 -19.95 -18.40
CA PRO D 52 -12.32 -18.72 -18.04
C PRO D 52 -13.82 -18.87 -18.19
N VAL D 53 -14.56 -18.22 -17.30
CA VAL D 53 -16.01 -18.24 -17.29
C VAL D 53 -16.52 -17.01 -18.04
N PRO D 54 -17.74 -17.03 -18.57
CA PRO D 54 -18.28 -15.85 -19.25
C PRO D 54 -18.47 -14.70 -18.28
N ALA D 55 -18.66 -13.50 -18.85
CA ALA D 55 -18.81 -12.30 -18.04
C ALA D 55 -20.07 -12.34 -17.18
N SER D 56 -21.10 -13.06 -17.63
CA SER D 56 -22.31 -13.19 -16.84
C SER D 56 -22.10 -14.02 -15.58
N GLU D 57 -21.09 -14.89 -15.57
CA GLU D 57 -20.76 -15.71 -14.42
C GLU D 57 -19.57 -15.16 -13.63
N ASN D 58 -19.12 -13.95 -13.94
CA ASN D 58 -17.95 -13.38 -13.31
C ASN D 58 -18.36 -12.31 -12.31
N PRO D 59 -18.23 -12.54 -11.00
CA PRO D 59 -18.56 -11.49 -10.03
C PRO D 59 -17.60 -10.31 -10.04
N PHE D 60 -16.42 -10.46 -10.65
CA PHE D 60 -15.44 -9.39 -10.72
C PHE D 60 -15.41 -8.74 -12.10
N ARG D 61 -16.55 -8.65 -12.76
CA ARG D 61 -16.64 -8.06 -14.08
C ARG D 61 -16.49 -6.55 -14.03
N VAL E 2 -26.08 -3.33 26.29
CA VAL E 2 -26.60 -2.31 25.38
C VAL E 2 -27.94 -1.83 25.90
N GLN E 3 -28.03 -0.52 26.17
CA GLN E 3 -29.23 0.07 26.75
C GLN E 3 -29.57 1.36 26.03
N LEU E 4 -30.83 1.51 25.65
CA LEU E 4 -31.36 2.74 25.07
C LEU E 4 -32.48 3.27 25.96
N VAL E 5 -32.28 4.45 26.53
CA VAL E 5 -33.27 5.09 27.39
C VAL E 5 -33.73 6.38 26.72
N GLU E 6 -35.03 6.50 26.54
CA GLU E 6 -35.63 7.66 25.88
C GLU E 6 -36.48 8.43 26.89
N SER E 7 -36.48 9.75 26.76
CA SER E 7 -37.26 10.61 27.64
C SER E 7 -37.64 11.88 26.90
N GLY E 8 -38.66 12.55 27.41
CA GLY E 8 -39.12 13.80 26.82
C GLY E 8 -40.57 13.80 26.38
N GLY E 9 -41.38 12.79 26.72
CA GLY E 9 -42.76 12.77 26.33
C GLY E 9 -43.66 13.52 27.31
N GLY E 10 -44.93 13.57 26.96
CA GLY E 10 -45.92 14.23 27.79
C GLY E 10 -47.11 14.66 26.96
N LEU E 11 -47.97 15.47 27.58
CA LEU E 11 -49.15 16.00 26.93
C LEU E 11 -48.84 17.37 26.34
N VAL E 12 -49.08 17.52 25.05
CA VAL E 12 -48.77 18.73 24.31
C VAL E 12 -50.03 19.25 23.63
N GLN E 13 -50.31 20.53 23.79
CA GLN E 13 -51.40 21.14 23.06
C GLN E 13 -51.06 21.20 21.57
N PRO E 14 -52.08 21.19 20.71
CA PRO E 14 -51.82 21.26 19.26
C PRO E 14 -51.10 22.55 18.88
N GLY E 15 -50.19 22.43 17.92
CA GLY E 15 -49.39 23.57 17.48
C GLY E 15 -48.16 23.85 18.30
N GLY E 16 -47.93 23.10 19.37
CA GLY E 16 -46.77 23.30 20.22
C GLY E 16 -45.54 22.61 19.67
N SER E 17 -44.45 22.72 20.44
CA SER E 17 -43.17 22.14 20.07
C SER E 17 -42.57 21.43 21.29
N ARG E 18 -42.00 20.25 21.05
CA ARG E 18 -41.37 19.48 22.11
C ARG E 18 -40.24 18.64 21.50
N LYS E 19 -39.18 18.45 22.28
CA LYS E 19 -37.99 17.74 21.84
C LYS E 19 -37.86 16.43 22.59
N LEU E 20 -37.67 15.34 21.86
CA LEU E 20 -37.40 14.04 22.44
C LEU E 20 -35.90 13.76 22.46
N SER E 21 -35.47 13.03 23.48
CA SER E 21 -34.06 12.67 23.63
C SER E 21 -33.94 11.21 23.98
N CYS E 22 -32.94 10.55 23.42
CA CYS E 22 -32.64 9.15 23.70
C CYS E 22 -31.19 9.02 24.11
N SER E 23 -30.94 8.47 25.29
CA SER E 23 -29.59 8.28 25.82
C SER E 23 -29.13 6.86 25.54
N ALA E 24 -27.91 6.73 25.01
CA ALA E 24 -27.37 5.45 24.58
C ALA E 24 -26.16 5.09 25.44
N SER E 25 -26.04 3.79 25.75
CA SER E 25 -24.91 3.29 26.51
C SER E 25 -24.66 1.84 26.12
N GLY E 26 -23.44 1.38 26.38
CA GLY E 26 -23.07 0.00 26.15
C GLY E 26 -22.58 -0.33 24.74
N PHE E 27 -22.47 0.65 23.86
CA PHE E 27 -22.00 0.39 22.51
C PHE E 27 -21.40 1.67 21.93
N ALA E 28 -20.65 1.50 20.84
CA ALA E 28 -20.01 2.62 20.17
C ALA E 28 -21.07 3.42 19.43
N PHE E 29 -21.53 4.51 20.03
CA PHE E 29 -22.63 5.28 19.46
C PHE E 29 -22.25 5.92 18.13
N SER E 30 -21.00 6.36 18.00
CA SER E 30 -20.59 7.09 16.80
C SER E 30 -20.55 6.22 15.56
N SER E 31 -20.46 4.90 15.70
CA SER E 31 -20.35 4.00 14.56
C SER E 31 -21.70 3.46 14.09
N PHE E 32 -22.80 3.87 14.71
CA PHE E 32 -24.11 3.32 14.41
C PHE E 32 -25.04 4.40 13.88
N GLY E 33 -25.82 4.07 12.85
CA GLY E 33 -26.92 4.92 12.44
C GLY E 33 -28.14 4.71 13.31
N MET E 34 -29.00 5.73 13.34
CA MET E 34 -30.15 5.72 14.22
C MET E 34 -31.42 6.14 13.50
N HIS E 35 -32.54 5.57 13.93
CA HIS E 35 -33.85 5.81 13.35
C HIS E 35 -34.81 6.27 14.44
N TRP E 36 -35.97 6.77 14.02
CA TRP E 36 -37.10 7.02 14.89
C TRP E 36 -38.31 6.31 14.31
N VAL E 37 -38.97 5.49 15.12
CA VAL E 37 -40.11 4.70 14.68
C VAL E 37 -41.30 5.02 15.58
N ARG E 38 -42.46 5.22 14.96
CA ARG E 38 -43.69 5.62 15.64
C ARG E 38 -44.66 4.45 15.66
N GLN E 39 -45.28 4.22 16.82
CA GLN E 39 -46.06 3.02 17.07
C GLN E 39 -47.56 3.18 16.89
N ALA E 40 -48.11 4.38 17.16
CA ALA E 40 -49.54 4.71 17.19
C ALA E 40 -50.22 4.01 18.36
N PRO E 41 -51.34 4.55 18.87
CA PRO E 41 -51.93 3.94 20.07
C PRO E 41 -52.48 2.54 19.84
N GLU E 42 -53.28 2.34 18.79
CA GLU E 42 -53.87 1.04 18.50
C GLU E 42 -53.63 0.62 17.06
N LYS E 43 -52.57 1.17 16.44
CA LYS E 43 -52.24 0.83 15.06
C LYS E 43 -50.82 0.30 14.95
N GLY E 44 -50.33 0.13 13.73
CA GLY E 44 -49.03 -0.47 13.50
C GLY E 44 -47.89 0.54 13.51
N LEU E 45 -46.69 0.02 13.26
CA LEU E 45 -45.48 0.83 13.30
C LEU E 45 -45.39 1.74 12.09
N GLU E 46 -44.85 2.94 12.31
CA GLU E 46 -44.61 3.91 11.24
C GLU E 46 -43.19 4.46 11.38
N TRP E 47 -42.57 4.74 10.23
CA TRP E 47 -41.20 5.24 10.19
C TRP E 47 -41.21 6.76 10.14
N VAL E 48 -40.31 7.38 10.91
CA VAL E 48 -40.27 8.83 11.08
C VAL E 48 -39.03 9.45 10.41
N ALA E 49 -37.84 9.10 10.89
CA ALA E 49 -36.64 9.77 10.42
C ALA E 49 -35.43 8.86 10.59
N TYR E 50 -34.34 9.25 9.93
CA TYR E 50 -33.09 8.50 9.97
C TYR E 50 -31.92 9.47 9.88
N ILE E 51 -30.89 9.20 10.67
CA ILE E 51 -29.63 9.96 10.62
C ILE E 51 -28.49 8.96 10.57
N SER E 52 -27.48 9.27 9.74
CA SER E 52 -26.37 8.34 9.52
C SER E 52 -25.38 8.42 10.68
N SER E 53 -24.36 7.57 10.61
CA SER E 53 -23.35 7.53 11.67
C SER E 53 -22.56 8.83 11.73
N GLY E 54 -22.18 9.36 10.58
CA GLY E 54 -21.50 10.64 10.50
C GLY E 54 -22.38 11.82 10.19
N SER E 55 -23.71 11.67 10.28
CA SER E 55 -24.69 12.71 9.99
C SER E 55 -24.61 13.21 8.55
N GLY E 56 -23.99 12.43 7.66
CA GLY E 56 -23.91 12.83 6.27
C GLY E 56 -25.25 12.81 5.57
N THR E 57 -26.06 11.78 5.83
CA THR E 57 -27.35 11.60 5.19
C THR E 57 -28.46 11.60 6.23
N ILE E 58 -29.52 12.33 5.94
CA ILE E 58 -30.69 12.43 6.81
C ILE E 58 -31.94 12.24 5.96
N TYR E 59 -32.82 11.34 6.39
CA TYR E 59 -34.05 11.04 5.68
C TYR E 59 -35.24 11.27 6.60
N TYR E 60 -36.35 11.70 6.00
CA TYR E 60 -37.58 11.97 6.74
C TYR E 60 -38.76 11.33 6.03
N ALA E 61 -39.79 11.01 6.81
CA ALA E 61 -41.05 10.58 6.24
C ALA E 61 -41.78 11.77 5.63
N ASP E 62 -42.65 11.49 4.66
CA ASP E 62 -43.39 12.56 3.98
C ASP E 62 -44.41 13.22 4.90
N THR E 63 -44.88 12.52 5.92
CA THR E 63 -45.86 13.09 6.84
C THR E 63 -45.24 13.99 7.90
N VAL E 64 -43.92 13.98 8.06
CA VAL E 64 -43.24 14.78 9.06
C VAL E 64 -42.17 15.66 8.46
N LYS E 65 -42.08 15.73 7.13
CA LYS E 65 -41.04 16.52 6.49
C LYS E 65 -41.38 18.01 6.59
N GLY E 66 -40.40 18.80 7.02
CA GLY E 66 -40.58 20.22 7.20
C GLY E 66 -41.07 20.62 8.58
N ARG E 67 -41.46 19.66 9.42
CA ARG E 67 -41.92 19.95 10.76
C ARG E 67 -41.17 19.18 11.84
N PHE E 68 -40.50 18.08 11.50
CA PHE E 68 -39.71 17.31 12.45
C PHE E 68 -38.24 17.43 12.08
N THR E 69 -37.38 17.50 13.09
CA THR E 69 -35.94 17.62 12.90
C THR E 69 -35.22 16.59 13.74
N ILE E 70 -34.21 15.95 13.15
CA ILE E 70 -33.41 14.94 13.83
C ILE E 70 -31.96 15.41 13.88
N SER E 71 -31.32 15.25 15.03
CA SER E 71 -29.94 15.65 15.23
C SER E 71 -29.25 14.63 16.12
N ARG E 72 -27.92 14.60 16.03
CA ARG E 72 -27.12 13.62 16.74
C ARG E 72 -25.97 14.31 17.46
N ASP E 73 -25.71 13.86 18.69
CA ASP E 73 -24.58 14.34 19.50
C ASP E 73 -23.66 13.16 19.73
N ASP E 74 -22.45 13.24 19.17
CA ASP E 74 -21.49 12.14 19.32
C ASP E 74 -20.70 12.19 20.64
N PRO E 75 -20.11 13.33 21.05
CA PRO E 75 -19.39 13.33 22.34
C PRO E 75 -20.28 12.99 23.53
N LYS E 76 -21.51 13.47 23.55
CA LYS E 76 -22.51 13.09 24.55
C LYS E 76 -23.48 12.16 23.84
N ASN E 77 -23.42 10.87 24.16
CA ASN E 77 -24.07 9.83 23.36
C ASN E 77 -25.58 9.93 23.55
N THR E 78 -26.19 10.84 22.79
CA THR E 78 -27.63 11.05 22.85
C THR E 78 -28.13 11.44 21.47
N LEU E 79 -29.39 11.13 21.21
CA LEU E 79 -30.05 11.44 19.94
C LEU E 79 -31.27 12.31 20.21
N PHE E 80 -31.47 13.32 19.36
CA PHE E 80 -32.51 14.31 19.56
C PHE E 80 -33.51 14.29 18.40
N LEU E 81 -34.78 14.50 18.73
CA LEU E 81 -35.86 14.62 17.75
C LEU E 81 -36.66 15.86 18.10
N GLN E 82 -36.58 16.88 17.26
CA GLN E 82 -37.28 18.15 17.48
C GLN E 82 -38.59 18.12 16.71
N MET E 83 -39.70 18.32 17.42
CA MET E 83 -41.03 18.27 16.84
C MET E 83 -41.63 19.66 16.84
N THR E 84 -42.11 20.11 15.67
CA THR E 84 -42.76 21.40 15.53
C THR E 84 -44.08 21.23 14.79
N SER E 85 -45.02 22.13 15.09
CA SER E 85 -46.36 22.12 14.49
C SER E 85 -47.04 20.77 14.68
N LEU E 86 -47.22 20.39 15.94
CA LEU E 86 -47.76 19.09 16.28
C LEU E 86 -49.26 19.03 16.00
N ARG E 87 -49.70 17.95 15.37
CA ARG E 87 -51.10 17.67 15.15
C ARG E 87 -51.53 16.51 16.04
N SER E 88 -52.84 16.23 16.02
CA SER E 88 -53.37 15.12 16.81
C SER E 88 -52.98 13.77 16.25
N GLU E 89 -52.47 13.72 15.01
CA GLU E 89 -52.04 12.48 14.41
C GLU E 89 -50.69 11.99 14.92
N ASP E 90 -49.98 12.80 15.70
CA ASP E 90 -48.69 12.43 16.24
C ASP E 90 -48.78 11.86 17.65
N THR E 91 -49.99 11.66 18.17
CA THR E 91 -50.17 11.05 19.48
C THR E 91 -49.82 9.57 19.38
N ALA E 92 -48.67 9.18 19.91
CA ALA E 92 -48.17 7.83 19.73
C ALA E 92 -47.00 7.60 20.68
N MET E 93 -46.36 6.44 20.54
CA MET E 93 -45.14 6.09 21.25
C MET E 93 -43.98 6.05 20.26
N TYR E 94 -42.88 6.72 20.61
CA TYR E 94 -41.75 6.91 19.72
C TYR E 94 -40.60 6.03 20.17
N TYR E 95 -40.02 5.27 19.24
CA TYR E 95 -38.91 4.37 19.51
C TYR E 95 -37.65 4.84 18.80
N CYS E 96 -36.51 4.55 19.42
CA CYS E 96 -35.20 4.78 18.81
C CYS E 96 -34.56 3.44 18.49
N VAL E 97 -34.18 3.27 17.22
CA VAL E 97 -33.67 1.99 16.72
C VAL E 97 -32.24 2.17 16.24
N ARG E 98 -31.39 1.24 16.60
CA ARG E 98 -29.98 1.23 16.25
C ARG E 98 -29.79 0.57 14.88
N SER E 99 -28.72 0.95 14.18
CA SER E 99 -28.39 0.39 12.87
C SER E 99 -26.95 0.71 12.53
N ILE E 100 -26.26 -0.20 11.83
CA ILE E 100 -24.85 -0.04 11.51
C ILE E 100 -24.58 -0.06 10.01
N TYR E 101 -25.21 -0.98 9.27
CA TYR E 101 -25.16 -1.04 7.81
C TYR E 101 -23.74 -1.23 7.27
N TYR E 102 -23.19 -2.42 7.54
CA TYR E 102 -22.06 -2.91 6.75
C TYR E 102 -22.43 -4.28 6.16
N TYR E 103 -21.50 -4.84 5.39
CA TYR E 103 -21.77 -6.09 4.69
C TYR E 103 -21.90 -7.23 5.69
N GLY E 104 -23.03 -7.96 5.63
CA GLY E 104 -23.28 -9.05 6.53
C GLY E 104 -23.78 -8.68 7.91
N SER E 105 -24.24 -7.45 8.09
CA SER E 105 -24.71 -6.98 9.37
C SER E 105 -26.23 -7.09 9.48
N SER E 106 -26.73 -6.95 10.71
CA SER E 106 -28.16 -6.91 10.99
C SER E 106 -28.53 -5.52 11.46
N PRO E 107 -29.08 -4.65 10.60
CA PRO E 107 -29.30 -3.25 10.97
C PRO E 107 -30.21 -3.03 12.16
N PHE E 108 -31.48 -3.44 12.06
CA PHE E 108 -32.49 -3.11 13.06
C PHE E 108 -32.44 -4.11 14.21
N ASP E 109 -31.34 -4.06 14.96
CA ASP E 109 -31.07 -5.09 15.95
C ASP E 109 -31.56 -4.75 17.35
N PHE E 110 -31.50 -3.48 17.76
CA PHE E 110 -31.87 -3.10 19.12
C PHE E 110 -32.85 -1.94 19.08
N TRP E 111 -33.85 -1.99 19.96
CA TRP E 111 -34.87 -0.97 20.07
C TRP E 111 -34.89 -0.40 21.49
N GLY E 112 -35.36 0.85 21.60
CA GLY E 112 -35.45 1.50 22.89
C GLY E 112 -36.76 1.20 23.60
N GLN E 113 -36.89 1.74 24.81
CA GLN E 113 -38.09 1.54 25.59
C GLN E 113 -39.27 2.32 25.03
N GLY E 114 -39.05 3.57 24.67
CA GLY E 114 -40.08 4.37 24.05
C GLY E 114 -40.63 5.44 24.96
N THR E 115 -41.17 6.51 24.36
CA THR E 115 -41.81 7.60 25.08
C THR E 115 -43.20 7.83 24.52
N THR E 116 -44.15 8.05 25.42
CA THR E 116 -45.54 8.26 25.03
C THR E 116 -45.79 9.76 24.87
N LEU E 117 -46.21 10.17 23.68
CA LEU E 117 -46.55 11.55 23.39
C LEU E 117 -48.04 11.64 23.13
N THR E 118 -48.73 12.56 23.81
CA THR E 118 -50.15 12.76 23.67
C THR E 118 -50.42 14.19 23.24
N VAL E 119 -51.20 14.35 22.17
CA VAL E 119 -51.58 15.66 21.63
C VAL E 119 -53.08 15.78 21.69
N SER E 120 -53.56 16.87 22.30
CA SER E 120 -54.99 17.16 22.45
C SER E 120 -55.73 16.02 23.16
N SER E 136 -46.13 5.92 -4.99
CA SER E 136 -44.75 5.59 -5.32
C SER E 136 -44.11 4.72 -4.25
N ASP E 137 -44.69 4.73 -3.05
CA ASP E 137 -44.18 3.94 -1.95
C ASP E 137 -44.53 2.46 -2.16
N ILE E 138 -43.89 1.61 -1.35
CA ILE E 138 -44.08 0.17 -1.43
C ILE E 138 -45.07 -0.23 -0.35
N VAL E 139 -46.15 -0.88 -0.76
CA VAL E 139 -47.19 -1.33 0.17
C VAL E 139 -46.83 -2.74 0.63
N MET E 140 -46.73 -2.93 1.94
CA MET E 140 -46.42 -4.22 2.54
C MET E 140 -47.69 -4.74 3.18
N THR E 141 -48.24 -5.82 2.62
CA THR E 141 -49.55 -6.32 3.00
C THR E 141 -49.43 -7.62 3.77
N GLN E 142 -50.03 -7.65 4.96
CA GLN E 142 -50.20 -8.87 5.75
C GLN E 142 -51.69 -9.10 5.86
N ALA E 143 -52.22 -9.98 5.00
CA ALA E 143 -53.67 -10.14 4.87
C ALA E 143 -54.30 -10.65 6.16
N THR E 144 -53.67 -11.63 6.79
CA THR E 144 -54.21 -12.23 8.01
C THR E 144 -53.84 -11.37 9.21
N SER E 145 -54.79 -11.20 10.13
CA SER E 145 -54.60 -10.38 11.32
C SER E 145 -54.50 -11.19 12.61
N SER E 146 -55.41 -12.14 12.83
CA SER E 146 -55.43 -12.93 14.06
C SER E 146 -55.47 -14.40 13.71
N VAL E 147 -54.54 -15.16 14.30
CA VAL E 147 -54.48 -16.62 14.11
C VAL E 147 -54.48 -17.28 15.49
N PRO E 148 -55.55 -17.98 15.87
CA PRO E 148 -55.49 -18.78 17.11
C PRO E 148 -54.45 -19.88 17.00
N VAL E 149 -53.71 -20.09 18.08
CA VAL E 149 -52.61 -21.04 18.09
C VAL E 149 -52.68 -21.90 19.35
N THR E 150 -52.02 -23.06 19.27
CA THR E 150 -51.89 -23.98 20.38
C THR E 150 -50.41 -24.31 20.52
N PRO E 151 -49.87 -24.32 21.75
CA PRO E 151 -48.44 -24.65 21.92
C PRO E 151 -48.12 -26.04 21.39
N GLY E 152 -46.94 -26.16 20.78
CA GLY E 152 -46.51 -27.40 20.15
C GLY E 152 -46.85 -27.52 18.68
N GLU E 153 -47.60 -26.58 18.13
CA GLU E 153 -47.98 -26.60 16.71
C GLU E 153 -47.07 -25.69 15.90
N SER E 154 -47.21 -25.77 14.58
CA SER E 154 -46.42 -24.98 13.65
C SER E 154 -47.34 -24.08 12.83
N VAL E 155 -46.99 -22.80 12.71
CA VAL E 155 -47.78 -21.82 12.00
C VAL E 155 -46.88 -21.06 11.03
N SER E 156 -47.52 -20.42 10.04
CA SER E 156 -46.82 -19.62 9.05
C SER E 156 -47.53 -18.29 8.88
N ILE E 157 -46.75 -17.22 8.76
CA ILE E 157 -47.26 -15.86 8.58
C ILE E 157 -46.77 -15.36 7.23
N SER E 158 -47.71 -14.94 6.37
CA SER E 158 -47.41 -14.55 5.01
C SER E 158 -47.22 -13.04 4.90
N CYS E 159 -46.54 -12.64 3.82
CA CYS E 159 -46.29 -11.24 3.54
C CYS E 159 -46.22 -11.04 2.03
N ARG E 160 -46.82 -9.96 1.55
CA ARG E 160 -46.82 -9.63 0.13
C ARG E 160 -46.34 -8.20 -0.05
N SER E 161 -45.69 -7.95 -1.20
CA SER E 161 -45.12 -6.65 -1.50
C SER E 161 -45.63 -6.17 -2.86
N SER E 162 -45.84 -4.86 -2.97
CA SER E 162 -46.26 -4.28 -4.24
C SER E 162 -45.16 -4.38 -5.29
N LYS E 163 -43.91 -4.21 -4.86
CA LYS E 163 -42.75 -4.30 -5.74
C LYS E 163 -41.83 -5.41 -5.24
N SER E 164 -41.19 -6.10 -6.18
CA SER E 164 -40.28 -7.17 -5.83
C SER E 164 -39.08 -6.63 -5.05
N LEU E 165 -38.78 -7.28 -3.93
CA LEU E 165 -37.70 -6.84 -3.06
C LEU E 165 -36.36 -7.51 -3.37
N LEU E 166 -36.30 -8.34 -4.41
CA LEU E 166 -35.06 -8.98 -4.81
C LEU E 166 -34.24 -8.00 -5.64
N HIS E 167 -33.02 -7.72 -5.20
CA HIS E 167 -32.15 -6.78 -5.87
C HIS E 167 -31.28 -7.48 -6.92
N SER E 168 -30.69 -6.68 -7.79
CA SER E 168 -29.78 -7.22 -8.81
C SER E 168 -28.48 -7.75 -8.20
N ASN E 169 -28.19 -7.39 -6.96
CA ASN E 169 -27.01 -7.89 -6.26
C ASN E 169 -27.25 -9.19 -5.51
N GLY E 170 -28.44 -9.78 -5.65
CA GLY E 170 -28.75 -11.07 -5.08
C GLY E 170 -29.35 -11.04 -3.70
N ASN E 171 -29.49 -9.86 -3.08
CA ASN E 171 -30.06 -9.75 -1.75
C ASN E 171 -31.51 -9.30 -1.83
N THR E 172 -32.37 -9.96 -1.06
CA THR E 172 -33.72 -9.48 -0.82
C THR E 172 -33.74 -8.76 0.52
N TYR E 173 -34.65 -7.80 0.65
CA TYR E 173 -34.68 -6.92 1.80
C TYR E 173 -36.02 -7.10 2.52
N LEU E 174 -36.07 -8.08 3.41
CA LEU E 174 -37.23 -8.36 4.23
C LEU E 174 -36.79 -8.52 5.67
N TYR E 175 -37.50 -7.88 6.59
CA TYR E 175 -37.17 -7.91 8.00
C TYR E 175 -38.41 -8.33 8.79
N TRP E 176 -38.23 -9.26 9.71
CA TRP E 176 -39.32 -9.75 10.56
C TRP E 176 -39.10 -9.28 11.98
N PHE E 177 -40.10 -8.64 12.56
CA PHE E 177 -40.04 -8.12 13.92
C PHE E 177 -41.14 -8.73 14.77
N LEU E 178 -40.80 -9.04 16.02
CA LEU E 178 -41.76 -9.57 16.98
C LEU E 178 -41.91 -8.56 18.12
N GLN E 179 -43.15 -8.23 18.46
CA GLN E 179 -43.45 -7.30 19.55
C GLN E 179 -44.34 -8.01 20.55
N ARG E 180 -43.74 -8.46 21.65
CA ARG E 180 -44.50 -9.06 22.74
C ARG E 180 -45.35 -8.01 23.42
N PRO E 181 -46.46 -8.41 24.05
CA PRO E 181 -47.34 -7.43 24.72
C PRO E 181 -46.61 -6.66 25.80
N GLY E 182 -46.63 -5.33 25.67
CA GLY E 182 -45.98 -4.47 26.63
C GLY E 182 -44.49 -4.32 26.45
N GLN E 183 -43.94 -4.71 25.31
CA GLN E 183 -42.50 -4.68 25.09
C GLN E 183 -42.21 -4.02 23.74
N SER E 184 -40.94 -3.66 23.56
CA SER E 184 -40.47 -3.09 22.31
C SER E 184 -40.33 -4.16 21.24
N PRO E 185 -40.40 -3.78 19.96
CA PRO E 185 -40.22 -4.77 18.90
C PRO E 185 -38.82 -5.38 18.92
N GLN E 186 -38.76 -6.66 18.54
CA GLN E 186 -37.51 -7.43 18.56
C GLN E 186 -37.28 -8.04 17.19
N LEU E 187 -36.06 -7.90 16.68
CA LEU E 187 -35.72 -8.44 15.37
C LEU E 187 -35.66 -9.96 15.41
N LEU E 188 -36.21 -10.59 14.36
CA LEU E 188 -36.16 -12.04 14.24
C LEU E 188 -35.35 -12.49 13.02
N ILE E 189 -35.69 -12.01 11.82
CA ILE E 189 -35.07 -12.47 10.59
C ILE E 189 -34.80 -11.26 9.70
N TYR E 190 -33.59 -11.17 9.17
CA TYR E 190 -33.23 -10.12 8.23
C TYR E 190 -32.76 -10.74 6.92
N ARG E 191 -33.14 -10.12 5.80
CA ARG E 191 -32.86 -10.60 4.45
C ARG E 191 -33.48 -11.97 4.18
N MET E 192 -34.59 -12.25 4.88
CA MET E 192 -35.54 -13.34 4.65
C MET E 192 -34.97 -14.70 5.07
N SER E 193 -33.66 -14.76 5.29
CA SER E 193 -33.04 -16.05 5.59
C SER E 193 -32.02 -16.02 6.71
N ASN E 194 -31.55 -14.85 7.14
CA ASN E 194 -30.51 -14.76 8.15
C ASN E 194 -31.16 -14.56 9.52
N LEU E 195 -30.90 -15.49 10.43
CA LEU E 195 -31.48 -15.44 11.76
C LEU E 195 -30.72 -14.47 12.64
N ALA E 196 -31.45 -13.64 13.39
CA ALA E 196 -30.82 -12.66 14.25
C ALA E 196 -30.19 -13.34 15.46
N SER E 197 -29.20 -12.66 16.05
CA SER E 197 -28.51 -13.18 17.21
C SER E 197 -29.45 -13.24 18.41
N GLY E 198 -29.39 -14.35 19.15
CA GLY E 198 -30.26 -14.57 20.28
C GLY E 198 -31.61 -15.15 19.94
N VAL E 199 -31.91 -15.35 18.67
CA VAL E 199 -33.19 -15.90 18.23
C VAL E 199 -33.09 -17.42 18.17
N PRO E 200 -33.98 -18.16 18.81
CA PRO E 200 -33.93 -19.62 18.74
C PRO E 200 -34.19 -20.13 17.33
N ASP E 201 -33.67 -21.32 17.05
CA ASP E 201 -33.75 -21.93 15.73
C ASP E 201 -35.15 -22.35 15.33
N ARG E 202 -36.17 -22.09 16.18
CA ARG E 202 -37.54 -22.41 15.81
C ARG E 202 -38.00 -21.60 14.60
N PHE E 203 -37.64 -20.32 14.56
CA PHE E 203 -38.07 -19.45 13.48
C PHE E 203 -37.26 -19.69 12.22
N SER E 204 -37.94 -19.56 11.07
CA SER E 204 -37.29 -19.67 9.77
C SER E 204 -38.10 -18.89 8.75
N GLY E 205 -37.43 -18.39 7.73
CA GLY E 205 -38.06 -17.57 6.72
C GLY E 205 -37.71 -18.03 5.32
N SER E 206 -38.65 -17.83 4.41
CA SER E 206 -38.46 -18.17 3.01
C SER E 206 -39.39 -17.32 2.16
N GLY E 207 -39.11 -17.26 0.88
CA GLY E 207 -39.89 -16.47 -0.04
C GLY E 207 -39.12 -16.23 -1.32
N SER E 208 -39.74 -15.47 -2.22
CA SER E 208 -39.12 -15.17 -3.50
C SER E 208 -39.70 -13.87 -4.05
N GLY E 209 -38.94 -12.79 -3.93
CA GLY E 209 -39.26 -11.55 -4.61
C GLY E 209 -40.45 -10.79 -4.05
N THR E 210 -41.64 -11.34 -4.19
CA THR E 210 -42.87 -10.69 -3.78
C THR E 210 -43.57 -11.41 -2.64
N ALA E 211 -43.73 -12.72 -2.73
CA ALA E 211 -44.37 -13.51 -1.69
C ALA E 211 -43.34 -13.95 -0.66
N PHE E 212 -43.71 -13.83 0.62
CA PHE E 212 -42.83 -14.20 1.70
C PHE E 212 -43.63 -14.93 2.78
N THR E 213 -42.92 -15.70 3.59
CA THR E 213 -43.55 -16.44 4.68
C THR E 213 -42.55 -16.62 5.82
N LEU E 214 -43.02 -16.43 7.04
CA LEU E 214 -42.24 -16.71 8.24
C LEU E 214 -42.76 -17.99 8.89
N THR E 215 -41.90 -18.98 9.03
CA THR E 215 -42.27 -20.30 9.53
C THR E 215 -41.82 -20.45 10.97
N ILE E 216 -42.76 -20.83 11.84
CA ILE E 216 -42.48 -21.06 13.25
C ILE E 216 -42.80 -22.51 13.57
N SER E 217 -41.87 -23.21 14.21
CA SER E 217 -42.03 -24.60 14.59
C SER E 217 -41.91 -24.72 16.10
N ARG E 218 -42.73 -25.60 16.68
CA ARG E 218 -42.77 -25.86 18.13
C ARG E 218 -43.06 -24.56 18.89
N LEU E 219 -44.28 -24.07 18.67
CA LEU E 219 -44.74 -22.83 19.29
C LEU E 219 -44.66 -22.91 20.81
N GLU E 220 -44.18 -21.84 21.42
CA GLU E 220 -44.09 -21.71 22.86
C GLU E 220 -44.95 -20.55 23.32
N ALA E 221 -44.97 -20.32 24.64
CA ALA E 221 -45.77 -19.24 25.19
C ALA E 221 -45.15 -17.86 24.97
N GLU E 222 -43.87 -17.82 24.58
CA GLU E 222 -43.19 -16.54 24.35
C GLU E 222 -43.44 -15.96 22.98
N ASP E 223 -44.19 -16.65 22.11
CA ASP E 223 -44.49 -16.19 20.76
C ASP E 223 -45.91 -15.68 20.63
N VAL E 224 -46.43 -15.01 21.66
CA VAL E 224 -47.81 -14.54 21.66
C VAL E 224 -47.95 -13.12 21.11
N GLY E 225 -46.84 -12.47 20.75
CA GLY E 225 -46.88 -11.09 20.33
C GLY E 225 -47.38 -10.92 18.90
N VAL E 226 -47.17 -9.70 18.39
CA VAL E 226 -47.61 -9.32 17.05
C VAL E 226 -46.39 -9.27 16.13
N TYR E 227 -46.50 -9.91 14.98
CA TYR E 227 -45.40 -10.00 14.03
C TYR E 227 -45.57 -8.97 12.93
N TYR E 228 -44.48 -8.31 12.57
CA TYR E 228 -44.48 -7.24 11.59
C TYR E 228 -43.55 -7.58 10.43
N CYS E 229 -43.86 -7.02 9.26
CA CYS E 229 -43.14 -7.29 8.03
C CYS E 229 -42.63 -5.96 7.47
N MET E 230 -41.30 -5.83 7.38
CA MET E 230 -40.67 -4.59 6.96
C MET E 230 -39.83 -4.81 5.72
N GLN E 231 -39.73 -3.78 4.90
CA GLN E 231 -38.87 -3.75 3.74
C GLN E 231 -37.77 -2.71 3.93
N HIS E 232 -36.65 -2.93 3.25
CA HIS E 232 -35.52 -2.01 3.35
C HIS E 232 -34.89 -1.77 1.98
N LEU E 233 -35.67 -1.91 0.91
CA LEU E 233 -35.14 -1.71 -0.43
C LEU E 233 -34.90 -0.24 -0.73
N GLU E 234 -35.82 0.63 -0.34
CA GLU E 234 -35.68 2.06 -0.58
C GLU E 234 -36.43 2.84 0.50
N TYR E 235 -36.05 4.10 0.66
CA TYR E 235 -36.71 5.00 1.57
C TYR E 235 -37.95 5.60 0.92
N PRO E 236 -39.03 5.84 1.70
CA PRO E 236 -39.17 5.55 3.12
C PRO E 236 -39.45 4.08 3.42
N LEU E 237 -38.98 3.61 4.58
CA LEU E 237 -39.22 2.25 4.99
C LEU E 237 -40.68 2.06 5.40
N THR E 238 -41.26 0.94 5.00
CA THR E 238 -42.66 0.65 5.26
C THR E 238 -42.81 -0.65 6.03
N PHE E 239 -43.81 -0.70 6.90
CA PHE E 239 -44.11 -1.85 7.73
C PHE E 239 -45.42 -2.49 7.27
N GLY E 240 -45.68 -3.67 7.81
CA GLY E 240 -46.94 -4.35 7.57
C GLY E 240 -48.00 -3.97 8.58
N ALA E 241 -49.22 -4.45 8.32
CA ALA E 241 -50.33 -4.17 9.24
C ALA E 241 -50.13 -4.89 10.57
N GLY E 242 -49.62 -6.11 10.54
CA GLY E 242 -49.36 -6.85 11.76
C GLY E 242 -50.24 -8.07 11.93
N THR E 243 -49.65 -9.21 12.26
CA THR E 243 -50.37 -10.44 12.51
C THR E 243 -50.21 -10.83 13.97
N LYS E 244 -51.32 -11.05 14.65
CA LYS E 244 -51.34 -11.37 16.09
C LYS E 244 -51.62 -12.85 16.28
N LEU E 245 -50.81 -13.51 17.10
CA LEU E 245 -51.01 -14.91 17.45
C LEU E 245 -51.58 -14.97 18.87
N GLU E 246 -52.74 -15.61 19.01
CA GLU E 246 -53.43 -15.69 20.29
C GLU E 246 -53.56 -17.15 20.71
N LEU E 247 -53.18 -17.44 21.95
CA LEU E 247 -53.30 -18.80 22.48
C LEU E 247 -54.74 -19.09 22.89
N HIS F 2 5.86 37.03 -32.72
CA HIS F 2 5.42 35.78 -32.28
C HIS F 2 6.51 34.86 -32.34
N PRO F 3 6.55 33.95 -31.41
CA PRO F 3 7.50 32.91 -31.15
C PRO F 3 7.73 31.92 -32.20
#